data_7DUQ
#
_entry.id   7DUQ
#
_cell.length_a   1.00
_cell.length_b   1.00
_cell.length_c   1.00
_cell.angle_alpha   90.00
_cell.angle_beta   90.00
_cell.angle_gamma   90.00
#
_symmetry.space_group_name_H-M   'P 1'
#
loop_
_entity.id
_entity.type
_entity.pdbx_description
1 polymer 'Glucagon-like peptide 1'
2 polymer 'Glucagon-like peptide 1 receptor'
3 polymer 'Guanine nucleotide-binding protein G(s) subunit alpha isoforms short'
4 polymer 'Guanine nucleotide-binding protein G(I)/G(S)/G(T) subunit beta-1'
5 polymer 'Guanine nucleotide-binding protein G(I)/G(S)/G(O) subunit gamma-2'
6 polymer Nanobody-35
7 non-polymer N-tert-butyl-6,7-bis(chloranyl)quinoxalin-2-amine
8 non-polymer CHOLESTEROL
#
loop_
_entity_poly.entity_id
_entity_poly.type
_entity_poly.pdbx_seq_one_letter_code
_entity_poly.pdbx_strand_id
1 'polypeptide(L)' HAEGTFTSDVSSYLEGQAAKEFIAWLVKGR P
2 'polypeptide(L)'
;RPQGATVSLWETVQKWREYRRQCQRSLTEDPPPATDLFCNRTFDEYACWPDGEPGSFVNVSCPWYLPWASSVPQGHVYRF
CTAEGLWLQKDNSSLPWRDLSECEESKRGERSSPEEQLLFLYIIYTVGYALSFSALVIASAILLGFRHLHCTRNYIHLNL
FASFILRALSVFIKDAALKWMYSTAAQQHQWDGLLSYQDSLSCRLVFLLMQYCVAANYYWLLVEGVYLYTLLAFSVLSEQ
WIFRLYVSIGWGVPLLFVVPWGIVKYLYEDEGCWTRNSNMNYWLIIRLPILFAIGVNFLIFVRVICIVVSKLKANLMCKT
DIKCRLAKSTLTLIPLLGTHEVIFAFVMDEHARGTLRFIKLFTELSFTSFQGLMVAILYCFVNNEVQLEFRKSWERWRLE
HLHIQRDSSMKPLKCPTSSLSSGATAGSSMYTATCQASCS
;
R
3 'polypeptide(L)'
;MGCLGNSKTEDQRNEEKAQREANKKIEKQLQKDKQVYRATHRLLLLGAGESGKNTIVKQMRILHVNGFNGEGGEEDPQAA
RSNSDGEKATKVQDIKNNLKEAIETIVAAMSNLVPPVELANPENQFRVDYILSVMNVPDFDFPPEFYEHAKALWEDEGVR
ACYERSNEYQLIDCAQYFLDKIDVIKQADYVPSDQDLLRCRVLTSGIFETKFQVDKVNFHMFDVGAQRDERRKWIQCFND
VTAIIFVVASSSYNMVIREDNQTNRLQAALKLFDSIWNNKWLRDTSVILFLNKQDLLAEKVLAGKSKIEDYFPEFARYTT
PEDATPEPGEDPRVTRAKYFIRDEFLRISTASGDGRHYCYPHFTCAVDTENIRRVFNDCRDIIQRMHLRQYELL
;
A
4 'polypeptide(L)'
;MGSLLQSELDQLRQEAEQLKNQIRDARKACADATLSQITNNIDPVGRIQMRTRRTLRGHLAKIYAMHWGTDSRLLVSASQ
DGKLIIWDSYTTNKVHAIPLRSSWVMTCAYAPSGNYVACGGLDNICSIYNLKTREGNVRVSRELAGHTGYLSCCRFLDDN
QIVTSSGDTTCALWDIETGQQTTTFTGHTGDVMSLSLAPDTRLFVSGACDASAKLWDVREGMCRQTFTGHESDINAICFF
PNGNAFATGSDDATCRLFDLRADQELMTYSHDNIICGITSVSFSKSGRLLLAGYDDFNCNVWDALKADRAGVLAGHDNRV
SCLGVTDDGMAVATGSWDSFLKIWN
;
B
5 'polypeptide(L)' ASNNTASIAQARKLVEQLKMEANIDRIKVSKAAADLMAYCEAHAKEDPLLTPVPASENPFREKKFFCAIL G
6 'polypeptide(L)'
;MAQVQLQESGGGLVQPGGSLRLSCAASGFTFSNYKMNWVRQAPGKGLEWVSDISQSGASISYTGSVKGRFTISRDNAKNT
LYLQMNSLKPEDTAVYYCARCPAPFTRDCFDVTSTTYAYRGQGTQVTVSSHHHHHHEPEA
;
N
#
# COMPACT_ATOMS: atom_id res chain seq x y z
N HIS A 1 -9.17 35.45 -8.88
CA HIS A 1 -10.05 34.33 -8.60
C HIS A 1 -11.50 34.77 -8.51
N ALA A 2 -12.40 33.80 -8.45
CA ALA A 2 -13.82 34.12 -8.46
C ALA A 2 -14.31 34.62 -7.11
N GLU A 3 -13.66 34.19 -6.03
CA GLU A 3 -14.09 34.66 -4.72
C GLU A 3 -13.76 36.12 -4.51
N GLY A 4 -12.60 36.57 -5.01
CA GLY A 4 -12.28 37.98 -4.95
C GLY A 4 -13.12 38.82 -5.88
N THR A 5 -13.42 38.29 -7.07
CA THR A 5 -14.31 38.98 -8.00
C THR A 5 -15.71 39.09 -7.42
N PHE A 6 -16.21 38.01 -6.82
CA PHE A 6 -17.54 38.03 -6.23
C PHE A 6 -17.60 38.95 -5.02
N THR A 7 -16.55 38.94 -4.20
CA THR A 7 -16.51 39.84 -3.06
C THR A 7 -16.45 41.28 -3.51
N SER A 8 -15.71 41.57 -4.58
CA SER A 8 -15.66 42.93 -5.10
C SER A 8 -17.02 43.35 -5.66
N ASP A 9 -17.71 42.45 -6.36
CA ASP A 9 -19.01 42.78 -6.90
C ASP A 9 -20.04 42.98 -5.79
N VAL A 10 -20.05 42.10 -4.79
CA VAL A 10 -20.99 42.23 -3.69
C VAL A 10 -20.69 43.48 -2.88
N SER A 11 -19.42 43.79 -2.67
CA SER A 11 -19.04 44.96 -1.91
C SER A 11 -19.39 46.24 -2.67
N SER A 12 -19.24 46.23 -4.00
CA SER A 12 -19.64 47.38 -4.78
C SER A 12 -21.14 47.58 -4.75
N TYR A 13 -21.90 46.49 -4.86
CA TYR A 13 -23.35 46.57 -4.76
C TYR A 13 -23.77 47.11 -3.40
N LEU A 14 -23.18 46.60 -2.33
CA LEU A 14 -23.57 47.04 -0.99
C LEU A 14 -23.11 48.45 -0.71
N GLU A 15 -22.00 48.88 -1.31
CA GLU A 15 -21.56 50.27 -1.16
C GLU A 15 -22.49 51.22 -1.89
N GLY A 16 -22.92 50.84 -3.09
CA GLY A 16 -23.91 51.64 -3.79
C GLY A 16 -25.23 51.70 -3.04
N GLN A 17 -25.66 50.57 -2.48
CA GLN A 17 -26.87 50.56 -1.67
C GLN A 17 -26.71 51.42 -0.42
N ALA A 18 -25.51 51.44 0.17
CA ALA A 18 -25.28 52.27 1.34
C ALA A 18 -25.36 53.75 0.99
N ALA A 19 -24.79 54.13 -0.15
CA ALA A 19 -24.89 55.51 -0.59
C ALA A 19 -26.34 55.89 -0.90
N LYS A 20 -27.08 55.00 -1.56
CA LYS A 20 -28.49 55.28 -1.85
C LYS A 20 -29.30 55.39 -0.56
N GLU A 21 -29.01 54.56 0.43
CA GLU A 21 -29.74 54.66 1.69
C GLU A 21 -29.37 55.92 2.45
N PHE A 22 -28.12 56.38 2.31
CA PHE A 22 -27.74 57.67 2.89
C PHE A 22 -28.55 58.80 2.27
N ILE A 23 -28.69 58.77 0.94
CA ILE A 23 -29.48 59.80 0.28
C ILE A 23 -30.94 59.71 0.69
N ALA A 24 -31.46 58.48 0.85
CA ALA A 24 -32.83 58.31 1.29
C ALA A 24 -33.04 58.86 2.69
N TRP A 25 -32.06 58.65 3.58
CA TRP A 25 -32.15 59.18 4.93
C TRP A 25 -32.06 60.69 4.94
N LEU A 26 -31.30 61.26 4.01
CA LEU A 26 -31.26 62.72 3.89
C LEU A 26 -32.58 63.26 3.38
N VAL A 27 -33.25 62.51 2.49
CA VAL A 27 -34.55 62.96 1.99
C VAL A 27 -35.60 62.85 3.07
N LYS A 28 -35.52 61.83 3.93
CA LYS A 28 -36.45 61.76 5.05
C LYS A 28 -36.16 62.86 6.07
N GLY A 29 -34.88 63.12 6.33
CA GLY A 29 -34.50 64.14 7.28
C GLY A 29 -33.92 63.56 8.55
N ARG A 30 -32.63 63.80 8.78
CA ARG A 30 -31.96 63.29 9.98
C ARG A 30 -32.48 63.98 11.24
N THR B 6 -16.97 52.37 -8.05
CA THR B 6 -18.18 52.89 -7.42
C THR B 6 -17.85 54.04 -6.48
N VAL B 7 -18.86 54.87 -6.19
CA VAL B 7 -18.70 55.98 -5.26
C VAL B 7 -19.01 55.47 -3.86
N SER B 8 -18.08 55.65 -2.94
CA SER B 8 -18.20 55.04 -1.63
C SER B 8 -19.13 55.84 -0.73
N LEU B 9 -19.66 55.15 0.29
CA LEU B 9 -20.49 55.82 1.28
C LEU B 9 -19.70 56.87 2.04
N TRP B 10 -18.44 56.57 2.36
CA TRP B 10 -17.64 57.50 3.14
C TRP B 10 -17.41 58.79 2.38
N GLU B 11 -17.14 58.70 1.08
CA GLU B 11 -16.88 59.90 0.31
C GLU B 11 -18.13 60.74 0.11
N THR B 12 -19.29 60.11 -0.14
CA THR B 12 -20.51 60.90 -0.29
C THR B 12 -20.92 61.51 1.05
N VAL B 13 -20.62 60.84 2.16
CA VAL B 13 -20.88 61.43 3.47
C VAL B 13 -19.97 62.63 3.71
N GLN B 14 -18.70 62.52 3.34
CA GLN B 14 -17.80 63.67 3.49
C GLN B 14 -18.22 64.82 2.58
N LYS B 15 -18.65 64.50 1.36
CA LYS B 15 -19.13 65.54 0.46
C LYS B 15 -20.37 66.21 1.02
N TRP B 16 -21.29 65.43 1.60
CA TRP B 16 -22.47 66.02 2.22
C TRP B 16 -22.10 66.88 3.42
N ARG B 17 -21.08 66.47 4.18
CA ARG B 17 -20.68 67.26 5.34
C ARG B 17 -20.06 68.59 4.90
N GLU B 18 -19.24 68.57 3.85
CA GLU B 18 -18.71 69.83 3.33
C GLU B 18 -19.82 70.71 2.76
N TYR B 19 -20.76 70.09 2.03
CA TYR B 19 -21.95 70.79 1.55
C TYR B 19 -22.68 71.45 2.71
N ARG B 20 -22.79 70.75 3.84
CA ARG B 20 -23.45 71.32 5.01
C ARG B 20 -22.62 72.45 5.61
N ARG B 21 -21.29 72.35 5.57
CA ARG B 21 -20.47 73.44 6.06
C ARG B 21 -20.73 74.71 5.27
N GLN B 22 -20.60 74.63 3.95
CA GLN B 22 -20.90 75.80 3.12
C GLN B 22 -22.35 76.23 3.28
N CYS B 23 -23.25 75.26 3.52
CA CYS B 23 -24.66 75.59 3.63
C CYS B 23 -24.92 76.42 4.88
N GLN B 24 -24.42 75.96 6.03
CA GLN B 24 -24.59 76.70 7.27
C GLN B 24 -23.96 78.08 7.16
N ARG B 25 -22.72 78.16 6.65
CA ARG B 25 -22.06 79.45 6.62
C ARG B 25 -22.75 80.41 5.65
N SER B 26 -23.15 79.94 4.47
CA SER B 26 -23.84 80.79 3.52
C SER B 26 -25.19 81.24 4.07
N LEU B 27 -25.96 80.30 4.64
CA LEU B 27 -27.27 80.63 5.19
C LEU B 27 -27.16 81.68 6.27
N THR B 28 -26.09 81.65 7.08
CA THR B 28 -25.87 82.75 8.01
C THR B 28 -25.44 84.03 7.30
N GLU B 29 -24.70 83.90 6.19
CA GLU B 29 -24.06 85.08 5.62
C GLU B 29 -24.95 85.86 4.65
N ASP B 30 -25.68 85.20 3.75
CA ASP B 30 -26.44 85.94 2.76
C ASP B 30 -27.62 86.64 3.41
N PRO B 31 -27.73 87.96 3.30
CA PRO B 31 -28.80 88.68 4.01
C PRO B 31 -30.14 88.42 3.36
N PRO B 32 -31.21 88.40 4.15
CA PRO B 32 -32.54 88.17 3.60
C PRO B 32 -33.09 89.42 2.95
N PRO B 33 -33.93 89.29 1.92
CA PRO B 33 -34.60 90.46 1.34
C PRO B 33 -35.51 91.18 2.32
N ALA B 34 -35.99 90.49 3.35
CA ALA B 34 -36.94 91.05 4.32
C ALA B 34 -38.18 91.58 3.60
N THR B 35 -38.73 90.74 2.74
CA THR B 35 -39.92 91.08 1.97
C THR B 35 -41.16 90.82 2.81
N ASP B 36 -42.26 91.48 2.46
CA ASP B 36 -43.52 91.27 3.15
C ASP B 36 -44.02 89.84 2.93
N LEU B 37 -44.68 89.30 3.95
CA LEU B 37 -45.05 87.88 3.98
C LEU B 37 -43.84 87.02 3.65
N PHE B 38 -42.81 87.12 4.50
CA PHE B 38 -41.49 86.64 4.15
C PHE B 38 -41.40 85.12 4.23
N CYS B 39 -40.71 84.52 3.27
CA CYS B 39 -40.53 83.08 3.17
C CYS B 39 -39.12 82.74 3.65
N ASN B 40 -39.02 82.10 4.81
CA ASN B 40 -37.74 81.96 5.48
C ASN B 40 -36.87 80.88 4.85
N ARG B 41 -35.58 81.18 4.72
CA ARG B 41 -34.61 80.20 4.25
C ARG B 41 -34.37 79.12 5.30
N THR B 42 -34.12 77.89 4.84
CA THR B 42 -33.93 76.77 5.75
C THR B 42 -33.20 75.65 5.04
N PHE B 43 -32.64 74.74 5.85
CA PHE B 43 -31.90 73.58 5.37
C PHE B 43 -32.52 72.33 5.99
N ASP B 44 -33.06 71.46 5.14
CA ASP B 44 -33.72 70.24 5.60
C ASP B 44 -32.81 69.03 5.51
N GLU B 45 -31.49 69.24 5.59
CA GLU B 45 -30.47 68.20 5.62
C GLU B 45 -30.28 67.56 4.25
N TYR B 46 -31.01 68.02 3.24
CA TYR B 46 -30.84 67.56 1.88
C TYR B 46 -30.26 68.64 0.97
N ALA B 47 -30.88 69.81 0.92
CA ALA B 47 -30.47 70.85 -0.01
C ALA B 47 -30.66 72.22 0.64
N CYS B 48 -29.90 73.18 0.13
CA CYS B 48 -29.95 74.55 0.63
C CYS B 48 -30.85 75.39 -0.27
N TRP B 49 -31.89 75.97 0.33
CA TRP B 49 -32.77 76.88 -0.40
C TRP B 49 -32.57 78.31 0.11
N PRO B 50 -32.37 79.26 -0.79
CA PRO B 50 -32.47 80.67 -0.39
C PRO B 50 -33.93 81.06 -0.17
N ASP B 51 -34.11 82.33 0.16
CA ASP B 51 -35.40 82.89 0.50
C ASP B 51 -35.94 83.70 -0.69
N GLY B 52 -37.16 84.21 -0.54
CA GLY B 52 -37.77 84.98 -1.60
C GLY B 52 -39.18 85.41 -1.26
N GLU B 53 -39.84 86.00 -2.26
CA GLU B 53 -41.16 86.58 -2.05
C GLU B 53 -42.23 85.48 -1.99
N PRO B 54 -43.34 85.73 -1.31
CA PRO B 54 -44.33 84.66 -1.10
C PRO B 54 -45.05 84.27 -2.39
N GLY B 55 -45.47 83.01 -2.44
CA GLY B 55 -46.22 82.48 -3.57
C GLY B 55 -45.38 81.98 -4.73
N SER B 56 -44.12 82.33 -4.80
CA SER B 56 -43.25 81.83 -5.85
C SER B 56 -42.48 80.61 -5.36
N PHE B 57 -41.77 79.97 -6.29
CA PHE B 57 -40.93 78.81 -5.99
C PHE B 57 -39.47 79.20 -6.08
N VAL B 58 -38.64 78.44 -5.38
CA VAL B 58 -37.19 78.61 -5.41
C VAL B 58 -36.57 77.33 -5.95
N ASN B 59 -35.74 77.47 -6.97
CA ASN B 59 -35.07 76.35 -7.63
C ASN B 59 -33.60 76.32 -7.25
N VAL B 60 -33.14 75.18 -6.75
CA VAL B 60 -31.74 74.97 -6.43
C VAL B 60 -31.28 73.73 -7.18
N SER B 61 -29.98 73.65 -7.46
CA SER B 61 -29.47 72.52 -8.23
C SER B 61 -29.59 71.23 -7.43
N CYS B 62 -29.53 70.11 -8.15
CA CYS B 62 -29.33 68.84 -7.48
C CYS B 62 -28.02 68.90 -6.70
N PRO B 63 -28.02 68.51 -5.43
CA PRO B 63 -26.81 68.68 -4.61
C PRO B 63 -25.64 67.90 -5.18
N TRP B 64 -24.45 68.53 -5.12
CA TRP B 64 -23.26 67.95 -5.73
C TRP B 64 -22.65 66.84 -4.91
N TYR B 65 -23.19 66.53 -3.73
CA TYR B 65 -22.70 65.41 -2.95
C TYR B 65 -23.37 64.10 -3.31
N LEU B 66 -24.33 64.11 -4.24
CA LEU B 66 -25.03 62.89 -4.61
C LEU B 66 -24.07 61.93 -5.29
N PRO B 67 -24.22 60.62 -5.08
CA PRO B 67 -23.42 59.65 -5.83
C PRO B 67 -23.71 59.67 -7.31
N TRP B 68 -24.95 59.99 -7.69
CA TRP B 68 -25.35 60.11 -9.09
C TRP B 68 -25.52 61.56 -9.51
N ALA B 69 -24.64 62.45 -9.03
CA ALA B 69 -24.76 63.86 -9.34
C ALA B 69 -24.55 64.13 -10.83
N SER B 70 -23.46 63.60 -11.41
CA SER B 70 -23.14 63.87 -12.80
C SER B 70 -24.14 63.26 -13.78
N SER B 71 -24.98 62.35 -13.31
CA SER B 71 -26.05 61.79 -14.13
C SER B 71 -27.31 62.63 -14.12
N VAL B 72 -27.35 63.66 -13.26
CA VAL B 72 -28.44 64.64 -13.26
C VAL B 72 -27.82 66.04 -13.29
N PRO B 73 -27.05 66.38 -14.33
CA PRO B 73 -26.25 67.62 -14.27
C PRO B 73 -27.08 68.89 -14.14
N GLN B 74 -27.99 69.15 -15.09
CA GLN B 74 -28.81 70.35 -15.06
C GLN B 74 -30.17 70.13 -14.43
N GLY B 75 -30.37 68.99 -13.76
CA GLY B 75 -31.57 68.81 -12.97
C GLY B 75 -31.57 69.71 -11.75
N HIS B 76 -32.76 70.07 -11.30
CA HIS B 76 -32.92 70.97 -10.17
C HIS B 76 -34.10 70.54 -9.33
N VAL B 77 -33.99 70.81 -8.03
CA VAL B 77 -35.06 70.55 -7.07
C VAL B 77 -35.67 71.89 -6.68
N TYR B 78 -37.00 71.89 -6.56
CA TYR B 78 -37.77 73.09 -6.30
C TYR B 78 -38.43 73.00 -4.93
N ARG B 79 -38.57 74.15 -4.27
CA ARG B 79 -39.39 74.27 -3.08
C ARG B 79 -40.35 75.44 -3.27
N PHE B 80 -41.64 75.19 -3.06
CA PHE B 80 -42.68 76.17 -3.33
C PHE B 80 -43.06 76.92 -2.05
N CYS B 81 -43.30 78.22 -2.19
CA CYS B 81 -43.72 79.06 -1.09
C CYS B 81 -45.17 79.47 -1.30
N THR B 82 -45.86 79.77 -0.21
CA THR B 82 -47.29 80.06 -0.24
C THR B 82 -47.55 81.56 -0.35
N ALA B 83 -48.82 81.90 -0.56
CA ALA B 83 -49.24 83.28 -0.42
C ALA B 83 -49.13 83.78 1.01
N GLU B 84 -49.24 82.87 1.98
CA GLU B 84 -49.13 83.20 3.39
C GLU B 84 -47.71 83.57 3.81
N GLY B 85 -46.73 83.44 2.93
CA GLY B 85 -45.35 83.61 3.29
C GLY B 85 -44.69 82.38 3.85
N LEU B 86 -45.43 81.29 3.98
CA LEU B 86 -44.92 80.02 4.46
C LEU B 86 -44.50 79.16 3.28
N TRP B 87 -43.65 78.17 3.55
CA TRP B 87 -43.35 77.18 2.53
C TRP B 87 -44.59 76.36 2.23
N LEU B 88 -44.75 75.97 0.98
CA LEU B 88 -45.92 75.19 0.59
C LEU B 88 -45.95 73.88 1.36
N GLN B 89 -47.02 73.66 2.11
CA GLN B 89 -47.16 72.45 2.89
C GLN B 89 -47.82 71.37 2.03
N LYS B 90 -47.61 70.12 2.43
CA LYS B 90 -48.29 69.01 1.78
C LYS B 90 -49.63 68.76 2.46
N ASP B 91 -50.30 67.66 2.10
CA ASP B 91 -51.61 67.33 2.65
C ASP B 91 -51.45 66.41 3.84
N ASN B 92 -51.85 66.91 5.02
CA ASN B 92 -51.83 66.15 6.26
C ASN B 92 -50.40 65.77 6.66
N SER B 93 -49.50 66.75 6.60
CA SER B 93 -48.11 66.53 6.95
C SER B 93 -47.59 67.75 7.70
N SER B 94 -46.41 67.62 8.29
CA SER B 94 -45.74 68.73 8.95
C SER B 94 -44.56 69.27 8.13
N LEU B 95 -44.20 68.60 7.04
CA LEU B 95 -43.10 68.97 6.17
C LEU B 95 -43.59 69.78 4.98
N PRO B 96 -42.78 70.71 4.49
CA PRO B 96 -43.17 71.49 3.31
C PRO B 96 -43.12 70.64 2.04
N TRP B 97 -43.76 71.17 0.99
CA TRP B 97 -43.78 70.50 -0.29
C TRP B 97 -42.47 70.72 -1.02
N ARG B 98 -41.92 69.65 -1.59
CA ARG B 98 -40.74 69.74 -2.44
C ARG B 98 -40.83 68.65 -3.49
N ASP B 99 -40.13 68.86 -4.61
CA ASP B 99 -40.18 67.94 -5.75
C ASP B 99 -38.75 67.58 -6.14
N LEU B 100 -38.35 66.34 -5.86
CA LEU B 100 -37.02 65.86 -6.15
C LEU B 100 -36.97 64.98 -7.40
N SER B 101 -38.01 65.01 -8.22
CA SER B 101 -38.09 64.12 -9.38
C SER B 101 -36.94 64.36 -10.36
N GLU B 102 -36.32 65.52 -10.32
CA GLU B 102 -35.15 65.81 -11.14
C GLU B 102 -33.86 65.30 -10.53
N CYS B 103 -33.88 64.85 -9.27
CA CYS B 103 -32.69 64.36 -8.58
C CYS B 103 -32.84 62.97 -7.99
N GLU B 104 -34.03 62.36 -8.07
CA GLU B 104 -34.27 61.07 -7.40
C GLU B 104 -33.27 60.01 -7.82
N GLU B 105 -33.12 59.78 -9.11
CA GLU B 105 -32.22 58.76 -9.61
C GLU B 105 -32.02 58.96 -11.11
N SER B 106 -30.95 58.36 -11.62
CA SER B 106 -30.67 58.39 -13.04
C SER B 106 -29.90 57.15 -13.47
N SER B 113 -31.82 44.54 -11.11
CA SER B 113 -30.76 44.63 -10.12
C SER B 113 -29.96 43.35 -10.08
N PRO B 114 -28.64 43.44 -9.90
CA PRO B 114 -27.79 42.24 -9.83
C PRO B 114 -27.93 41.46 -8.53
N GLU B 115 -28.64 42.00 -7.54
CA GLU B 115 -28.84 41.29 -6.28
C GLU B 115 -29.46 39.91 -6.51
N GLU B 116 -30.47 39.83 -7.37
CA GLU B 116 -31.10 38.56 -7.71
C GLU B 116 -30.06 37.51 -8.07
N GLN B 117 -28.99 37.91 -8.73
CA GLN B 117 -27.94 36.97 -9.07
C GLN B 117 -27.01 36.72 -7.88
N LEU B 118 -26.56 37.79 -7.22
CA LEU B 118 -25.53 37.64 -6.20
C LEU B 118 -26.00 36.73 -5.08
N LEU B 119 -27.15 37.04 -4.49
CA LEU B 119 -27.73 36.16 -3.49
C LEU B 119 -27.81 34.72 -4.00
N PHE B 120 -28.25 34.53 -5.23
CA PHE B 120 -28.30 33.19 -5.81
C PHE B 120 -26.95 32.54 -5.74
N LEU B 121 -25.92 33.22 -6.27
CA LEU B 121 -24.56 32.70 -6.16
C LEU B 121 -24.24 32.39 -4.71
N TYR B 122 -24.53 33.34 -3.81
CA TYR B 122 -24.20 33.19 -2.40
C TYR B 122 -24.78 31.91 -1.83
N ILE B 123 -25.93 31.47 -2.34
CA ILE B 123 -26.49 30.20 -1.88
C ILE B 123 -25.62 29.05 -2.34
N ILE B 124 -25.50 28.88 -3.67
CA ILE B 124 -24.80 27.73 -4.23
C ILE B 124 -23.35 27.71 -3.79
N TYR B 125 -22.73 28.90 -3.78
CA TYR B 125 -21.43 29.09 -3.19
C TYR B 125 -21.38 28.56 -1.76
N THR B 126 -22.19 29.13 -0.87
CA THR B 126 -22.08 28.80 0.55
C THR B 126 -22.42 27.35 0.84
N VAL B 127 -23.55 26.87 0.34
CA VAL B 127 -23.90 25.46 0.48
C VAL B 127 -22.74 24.59 0.07
N GLY B 128 -22.11 24.92 -1.07
CA GLY B 128 -20.95 24.15 -1.51
C GLY B 128 -19.91 24.04 -0.42
N TYR B 129 -19.44 25.17 0.08
CA TYR B 129 -18.44 25.13 1.13
C TYR B 129 -19.00 24.44 2.37
N ALA B 130 -20.26 24.73 2.70
CA ALA B 130 -20.86 24.13 3.88
C ALA B 130 -20.81 22.61 3.80
N LEU B 131 -20.94 22.06 2.59
CA LEU B 131 -20.76 20.63 2.44
C LEU B 131 -19.29 20.27 2.39
N SER B 132 -18.52 20.97 1.56
CA SER B 132 -17.14 20.57 1.31
C SER B 132 -16.34 20.59 2.60
N PHE B 133 -16.29 21.76 3.25
CA PHE B 133 -15.72 21.89 4.60
C PHE B 133 -16.08 20.68 5.43
N SER B 134 -17.38 20.40 5.57
CA SER B 134 -17.83 19.28 6.37
C SER B 134 -17.10 18.00 5.98
N ALA B 135 -17.27 17.59 4.72
CA ALA B 135 -16.66 16.34 4.28
C ALA B 135 -15.15 16.40 4.43
N LEU B 136 -14.55 17.55 4.12
CA LEU B 136 -13.10 17.63 4.20
C LEU B 136 -12.63 17.42 5.63
N VAL B 137 -13.35 17.98 6.60
CA VAL B 137 -13.02 17.69 7.99
C VAL B 137 -13.04 16.19 8.22
N ILE B 138 -14.14 15.54 7.85
CA ILE B 138 -14.23 14.09 7.96
C ILE B 138 -13.10 13.44 7.19
N ALA B 139 -12.85 13.92 5.97
CA ALA B 139 -11.76 13.37 5.17
C ALA B 139 -10.44 13.48 5.93
N SER B 140 -10.16 14.66 6.48
CA SER B 140 -8.92 14.79 7.25
C SER B 140 -8.94 13.85 8.44
N ALA B 141 -10.08 13.76 9.13
CA ALA B 141 -10.17 12.88 10.29
C ALA B 141 -9.88 11.44 9.91
N ILE B 142 -10.19 11.07 8.68
CA ILE B 142 -9.88 9.73 8.22
C ILE B 142 -8.40 9.62 7.88
N LEU B 143 -7.87 10.58 7.12
CA LEU B 143 -6.52 10.45 6.60
C LEU B 143 -5.48 10.61 7.70
N LEU B 144 -5.83 11.29 8.79
CA LEU B 144 -4.99 11.28 9.97
C LEU B 144 -5.32 10.12 10.89
N GLY B 145 -6.57 9.65 10.87
CA GLY B 145 -6.99 8.64 11.82
C GLY B 145 -6.34 7.29 11.57
N PHE B 146 -6.34 6.83 10.32
CA PHE B 146 -5.78 5.53 9.97
C PHE B 146 -4.30 5.70 9.73
N ARG B 147 -3.49 5.22 10.67
CA ARG B 147 -2.04 5.31 10.56
C ARG B 147 -1.50 4.58 9.33
N HIS B 148 -2.17 3.51 8.90
CA HIS B 148 -1.70 2.79 7.72
C HIS B 148 -1.84 3.61 6.45
N LEU B 149 -2.73 4.59 6.44
CA LEU B 149 -2.91 5.47 5.30
C LEU B 149 -1.84 6.54 5.21
N HIS B 150 -0.99 6.66 6.23
CA HIS B 150 -0.01 7.74 6.25
C HIS B 150 1.06 7.51 5.20
N CYS B 151 1.24 8.50 4.34
CA CYS B 151 2.26 8.47 3.30
C CYS B 151 2.39 9.90 2.79
N THR B 152 3.40 10.11 1.95
CA THR B 152 3.63 11.45 1.41
C THR B 152 2.45 11.92 0.57
N ARG B 153 1.90 11.03 -0.26
CA ARG B 153 0.69 11.38 -1.00
C ARG B 153 -0.44 11.74 -0.06
N ASN B 154 -0.59 11.00 1.03
CA ASN B 154 -1.62 11.29 2.01
C ASN B 154 -1.34 12.60 2.76
N TYR B 155 -0.08 12.89 3.06
CA TYR B 155 0.23 14.16 3.71
C TYR B 155 -0.07 15.33 2.79
N ILE B 156 0.20 15.18 1.49
CA ILE B 156 -0.13 16.21 0.52
C ILE B 156 -1.65 16.37 0.40
N HIS B 157 -2.38 15.25 0.42
CA HIS B 157 -3.84 15.35 0.40
C HIS B 157 -4.36 16.02 1.67
N LEU B 158 -3.71 15.78 2.81
CA LEU B 158 -4.13 16.41 4.04
C LEU B 158 -3.90 17.92 3.99
N ASN B 159 -2.77 18.34 3.43
CA ASN B 159 -2.54 19.76 3.29
C ASN B 159 -3.48 20.39 2.26
N LEU B 160 -3.86 19.63 1.23
CA LEU B 160 -4.88 20.10 0.30
C LEU B 160 -6.23 20.25 0.98
N PHE B 161 -6.62 19.27 1.80
CA PHE B 161 -7.87 19.38 2.54
C PHE B 161 -7.82 20.54 3.52
N ALA B 162 -6.65 20.80 4.10
CA ALA B 162 -6.49 21.92 5.00
C ALA B 162 -6.67 23.23 4.27
N SER B 163 -6.11 23.35 3.06
CA SER B 163 -6.27 24.58 2.29
C SER B 163 -7.72 24.75 1.82
N PHE B 164 -8.40 23.65 1.52
CA PHE B 164 -9.81 23.71 1.18
C PHE B 164 -10.67 24.15 2.35
N ILE B 165 -10.48 23.52 3.51
CA ILE B 165 -11.15 23.93 4.74
C ILE B 165 -10.84 25.38 5.06
N LEU B 166 -9.61 25.79 4.82
CA LEU B 166 -9.18 27.14 5.17
C LEU B 166 -9.84 28.16 4.26
N ARG B 167 -9.96 27.85 2.97
CA ARG B 167 -10.66 28.76 2.07
C ARG B 167 -12.17 28.76 2.33
N ALA B 168 -12.74 27.64 2.75
CA ALA B 168 -14.14 27.63 3.16
C ALA B 168 -14.37 28.52 4.37
N LEU B 169 -13.49 28.42 5.37
CA LEU B 169 -13.58 29.27 6.54
C LEU B 169 -13.40 30.73 6.17
N SER B 170 -12.45 31.03 5.28
CA SER B 170 -12.27 32.41 4.84
C SER B 170 -13.48 32.92 4.09
N VAL B 171 -14.18 32.05 3.35
CA VAL B 171 -15.40 32.44 2.67
C VAL B 171 -16.48 32.80 3.67
N PHE B 172 -16.70 31.94 4.67
CA PHE B 172 -17.70 32.22 5.69
C PHE B 172 -17.38 33.51 6.44
N ILE B 173 -16.11 33.71 6.79
CA ILE B 173 -15.72 34.89 7.56
C ILE B 173 -15.81 36.15 6.71
N LYS B 174 -15.46 36.08 5.43
CA LYS B 174 -15.56 37.27 4.61
C LYS B 174 -17.00 37.62 4.29
N ASP B 175 -17.88 36.63 4.22
CA ASP B 175 -19.30 36.94 4.07
C ASP B 175 -19.85 37.60 5.34
N ALA B 176 -19.46 37.08 6.50
CA ALA B 176 -19.83 37.75 7.75
C ALA B 176 -19.29 39.17 7.81
N ALA B 177 -18.06 39.38 7.34
CA ALA B 177 -17.46 40.70 7.38
C ALA B 177 -18.13 41.64 6.40
N LEU B 178 -18.57 41.12 5.25
CA LEU B 178 -19.32 41.94 4.31
C LEU B 178 -20.67 42.35 4.89
N LYS B 179 -21.28 41.45 5.67
CA LYS B 179 -22.50 41.83 6.38
C LYS B 179 -22.22 42.90 7.43
N TRP B 180 -21.09 42.79 8.13
CA TRP B 180 -20.79 43.73 9.20
C TRP B 180 -20.41 45.10 8.67
N MET B 181 -19.69 45.15 7.55
CA MET B 181 -19.27 46.43 6.99
C MET B 181 -20.48 47.27 6.57
N TYR B 182 -21.52 46.62 6.06
CA TYR B 182 -22.68 47.32 5.51
C TYR B 182 -23.94 47.07 6.32
N SER B 183 -23.78 46.66 7.58
CA SER B 183 -24.93 46.57 8.47
C SER B 183 -25.47 47.97 8.74
N THR B 184 -26.75 48.03 9.14
CA THR B 184 -27.39 49.31 9.41
C THR B 184 -26.65 50.10 10.48
N ALA B 185 -26.13 49.41 11.51
CA ALA B 185 -25.39 50.11 12.55
C ALA B 185 -24.13 50.76 12.00
N ALA B 186 -23.38 50.04 11.16
CA ALA B 186 -22.19 50.60 10.56
C ALA B 186 -22.52 51.75 9.62
N GLN B 187 -23.61 51.62 8.87
CA GLN B 187 -24.02 52.70 7.98
C GLN B 187 -24.40 53.95 8.77
N GLN B 188 -25.10 53.78 9.89
CA GLN B 188 -25.41 54.94 10.73
C GLN B 188 -24.16 55.56 11.32
N HIS B 189 -23.19 54.71 11.72
CA HIS B 189 -21.92 55.23 12.20
C HIS B 189 -21.23 56.08 11.14
N GLN B 190 -21.25 55.61 9.89
CA GLN B 190 -20.62 56.38 8.82
C GLN B 190 -21.42 57.63 8.48
N TRP B 191 -22.75 57.59 8.61
CA TRP B 191 -23.55 58.78 8.41
C TRP B 191 -23.23 59.86 9.43
N ASP B 192 -23.09 59.47 10.70
CA ASP B 192 -22.80 60.41 11.77
C ASP B 192 -21.33 60.80 11.82
N GLY B 193 -20.53 60.39 10.85
CA GLY B 193 -19.12 60.72 10.82
C GLY B 193 -18.25 59.94 11.77
N LEU B 194 -18.81 58.97 12.47
CA LEU B 194 -18.05 58.17 13.43
C LEU B 194 -17.26 57.09 12.72
N LEU B 195 -16.37 56.45 13.47
CA LEU B 195 -15.63 55.31 12.95
C LEU B 195 -16.56 54.11 12.84
N SER B 196 -16.25 53.23 11.89
CA SER B 196 -17.03 52.04 11.64
C SER B 196 -16.11 50.83 11.59
N TYR B 197 -16.72 49.66 11.46
CA TYR B 197 -15.98 48.41 11.31
C TYR B 197 -15.06 48.45 10.09
N GLN B 198 -15.39 49.29 9.10
CA GLN B 198 -14.54 49.41 7.92
C GLN B 198 -13.19 50.04 8.27
N ASP B 199 -13.19 51.09 9.09
CA ASP B 199 -11.95 51.69 9.55
C ASP B 199 -11.46 50.90 10.75
N SER B 200 -10.92 49.72 10.47
CA SER B 200 -10.46 48.77 11.45
C SER B 200 -9.50 47.81 10.78
N LEU B 201 -8.42 47.47 11.50
CA LEU B 201 -7.40 46.62 10.89
C LEU B 201 -7.87 45.19 10.77
N SER B 202 -8.74 44.75 11.68
CA SER B 202 -9.26 43.38 11.60
C SER B 202 -10.07 43.18 10.33
N CYS B 203 -10.76 44.22 9.87
CA CYS B 203 -11.58 44.10 8.68
C CYS B 203 -10.76 43.98 7.40
N ARG B 204 -9.57 44.58 7.36
CA ARG B 204 -8.70 44.37 6.21
C ARG B 204 -8.00 43.03 6.27
N LEU B 205 -7.73 42.55 7.47
CA LEU B 205 -7.10 41.25 7.63
C LEU B 205 -8.06 40.11 7.37
N VAL B 206 -9.37 40.32 7.51
CA VAL B 206 -10.32 39.30 7.07
C VAL B 206 -10.18 39.03 5.58
N PHE B 207 -10.05 40.07 4.78
CA PHE B 207 -9.97 39.89 3.34
C PHE B 207 -8.56 39.56 2.87
N LEU B 208 -7.53 40.00 3.58
CA LEU B 208 -6.19 39.46 3.34
C LEU B 208 -6.15 37.96 3.63
N LEU B 209 -6.83 37.54 4.69
CA LEU B 209 -6.93 36.12 4.99
C LEU B 209 -7.67 35.37 3.90
N MET B 210 -8.77 35.95 3.41
CA MET B 210 -9.50 35.31 2.32
C MET B 210 -8.64 35.15 1.08
N GLN B 211 -7.89 36.20 0.72
CA GLN B 211 -7.01 36.11 -0.43
C GLN B 211 -5.92 35.07 -0.22
N TYR B 212 -5.33 35.03 0.97
CA TYR B 212 -4.30 34.03 1.25
C TYR B 212 -4.86 32.63 1.16
N CYS B 213 -6.06 32.39 1.70
CA CYS B 213 -6.62 31.05 1.73
C CYS B 213 -6.98 30.58 0.33
N VAL B 214 -7.51 31.48 -0.50
CA VAL B 214 -7.78 31.12 -1.90
C VAL B 214 -6.47 30.78 -2.62
N ALA B 215 -5.45 31.63 -2.44
CA ALA B 215 -4.18 31.40 -3.10
C ALA B 215 -3.54 30.10 -2.62
N ALA B 216 -3.69 29.78 -1.33
CA ALA B 216 -3.08 28.59 -0.79
C ALA B 216 -3.81 27.34 -1.25
N ASN B 217 -5.13 27.43 -1.43
CA ASN B 217 -5.85 26.31 -2.04
C ASN B 217 -5.41 26.09 -3.47
N TYR B 218 -5.22 27.17 -4.24
CA TYR B 218 -4.78 27.01 -5.61
C TYR B 218 -3.37 26.44 -5.67
N TYR B 219 -2.51 26.85 -4.76
CA TYR B 219 -1.14 26.34 -4.80
C TYR B 219 -1.04 24.95 -4.19
N TRP B 220 -2.00 24.54 -3.38
CA TRP B 220 -2.01 23.14 -2.96
C TRP B 220 -2.59 22.22 -4.01
N LEU B 221 -3.52 22.71 -4.83
CA LEU B 221 -3.89 21.98 -6.04
C LEU B 221 -2.70 21.86 -6.98
N LEU B 222 -1.91 22.93 -7.06
CA LEU B 222 -0.68 22.88 -7.86
C LEU B 222 0.31 21.87 -7.30
N VAL B 223 0.46 21.83 -5.98
CA VAL B 223 1.35 20.85 -5.36
C VAL B 223 0.83 19.44 -5.60
N GLU B 224 -0.49 19.24 -5.59
CA GLU B 224 -1.06 17.96 -5.97
C GLU B 224 -0.63 17.55 -7.36
N GLY B 225 -0.79 18.46 -8.32
CA GLY B 225 -0.38 18.17 -9.69
C GLY B 225 1.10 17.91 -9.83
N VAL B 226 1.92 18.70 -9.14
CA VAL B 226 3.37 18.58 -9.27
C VAL B 226 3.86 17.29 -8.61
N TYR B 227 3.26 16.90 -7.49
CA TYR B 227 3.61 15.62 -6.88
C TYR B 227 3.20 14.46 -7.77
N LEU B 228 2.00 14.52 -8.33
CA LEU B 228 1.58 13.49 -9.26
C LEU B 228 2.52 13.40 -10.45
N TYR B 229 2.94 14.55 -10.98
CA TYR B 229 3.82 14.56 -12.14
C TYR B 229 5.19 14.01 -11.81
N THR B 230 5.77 14.42 -10.67
CA THR B 230 7.07 13.90 -10.30
C THR B 230 7.02 12.40 -9.98
N LEU B 231 5.88 11.89 -9.54
CA LEU B 231 5.71 10.45 -9.41
C LEU B 231 5.64 9.78 -10.78
N LEU B 232 4.97 10.41 -11.73
CA LEU B 232 4.84 9.79 -13.05
C LEU B 232 6.00 10.13 -13.98
N ALA B 233 6.66 11.27 -13.79
CA ALA B 233 7.85 11.58 -14.58
C ALA B 233 9.05 10.75 -14.16
N PHE B 234 8.87 9.79 -13.26
CA PHE B 234 9.89 8.82 -12.87
C PHE B 234 11.09 9.54 -12.27
N SER B 235 10.83 10.67 -11.62
CA SER B 235 11.90 11.41 -10.97
C SER B 235 12.22 10.77 -9.62
N VAL B 236 13.50 10.69 -9.31
CA VAL B 236 13.95 10.08 -8.05
C VAL B 236 14.53 11.11 -7.10
N LEU B 237 13.72 11.55 -6.14
CA LEU B 237 14.16 12.60 -5.22
C LEU B 237 13.95 12.23 -3.77
N SER B 238 14.55 13.01 -2.88
CA SER B 238 14.42 12.79 -1.44
C SER B 238 12.95 12.96 -1.06
N GLU B 239 12.46 12.12 -0.18
CA GLU B 239 11.04 12.21 0.15
C GLU B 239 10.78 13.29 1.20
N GLN B 240 11.60 13.33 2.26
CA GLN B 240 11.43 14.38 3.26
C GLN B 240 11.72 15.75 2.66
N TRP B 241 12.75 15.84 1.81
CA TRP B 241 13.05 17.12 1.17
C TRP B 241 11.94 17.53 0.23
N ILE B 242 11.39 16.58 -0.54
CA ILE B 242 10.33 16.93 -1.48
C ILE B 242 9.07 17.34 -0.74
N PHE B 243 8.79 16.73 0.43
CA PHE B 243 7.60 17.12 1.15
C PHE B 243 7.76 18.48 1.82
N ARG B 244 8.95 18.75 2.36
CA ARG B 244 9.18 20.06 2.95
C ARG B 244 9.13 21.15 1.88
N LEU B 245 9.66 20.86 0.69
CA LEU B 245 9.56 21.81 -0.41
C LEU B 245 8.11 22.02 -0.83
N TYR B 246 7.33 20.95 -0.88
CA TYR B 246 5.93 21.07 -1.28
C TYR B 246 5.13 21.86 -0.27
N VAL B 247 5.43 21.71 1.02
CA VAL B 247 4.72 22.47 2.04
C VAL B 247 5.13 23.94 1.96
N SER B 248 6.41 24.21 1.73
CA SER B 248 6.84 25.59 1.56
C SER B 248 6.20 26.23 0.32
N ILE B 249 5.94 25.43 -0.71
CA ILE B 249 5.28 25.97 -1.90
C ILE B 249 3.80 26.20 -1.64
N GLY B 250 3.11 25.22 -1.06
CA GLY B 250 1.68 25.33 -0.90
C GLY B 250 1.28 26.38 0.11
N TRP B 251 2.01 26.48 1.21
CA TRP B 251 1.69 27.42 2.28
C TRP B 251 2.52 28.69 2.25
N GLY B 252 3.75 28.61 1.76
CA GLY B 252 4.63 29.76 1.82
C GLY B 252 4.53 30.65 0.60
N VAL B 253 4.57 30.05 -0.59
CA VAL B 253 4.61 30.79 -1.85
C VAL B 253 3.43 31.74 -2.01
N PRO B 254 2.19 31.41 -1.56
CA PRO B 254 1.13 32.42 -1.53
C PRO B 254 1.53 33.72 -0.84
N LEU B 255 2.26 33.62 0.27
CA LEU B 255 2.71 34.81 0.97
C LEU B 255 3.64 35.68 0.15
N LEU B 256 4.18 35.17 -0.96
CA LEU B 256 5.01 35.96 -1.85
C LEU B 256 4.20 36.88 -2.75
N PHE B 257 2.89 36.68 -2.86
CA PHE B 257 2.08 37.64 -3.59
C PHE B 257 0.87 38.11 -2.82
N VAL B 258 0.42 37.36 -1.82
CA VAL B 258 -0.67 37.82 -0.98
C VAL B 258 -0.22 38.99 -0.09
N VAL B 259 0.93 38.84 0.55
CA VAL B 259 1.44 39.85 1.47
C VAL B 259 1.86 41.10 0.70
N PRO B 260 2.52 41.02 -0.46
CA PRO B 260 2.67 42.23 -1.29
C PRO B 260 1.35 42.89 -1.64
N TRP B 261 0.38 42.12 -2.14
CA TRP B 261 -0.93 42.66 -2.50
C TRP B 261 -1.52 43.46 -1.36
N GLY B 262 -1.68 42.84 -0.19
CA GLY B 262 -2.16 43.56 0.97
C GLY B 262 -1.35 44.80 1.25
N ILE B 263 -0.02 44.68 1.24
CA ILE B 263 0.83 45.85 1.42
C ILE B 263 0.47 46.92 0.41
N VAL B 264 0.41 46.55 -0.87
CA VAL B 264 0.06 47.50 -1.90
C VAL B 264 -1.29 48.13 -1.59
N LYS B 265 -2.27 47.31 -1.19
CA LYS B 265 -3.56 47.85 -0.81
C LYS B 265 -3.41 48.89 0.28
N TYR B 266 -2.76 48.52 1.38
CA TYR B 266 -2.61 49.44 2.50
C TYR B 266 -1.94 50.73 2.05
N LEU B 267 -1.07 50.64 1.05
CA LEU B 267 -0.33 51.83 0.66
C LEU B 267 -1.11 52.65 -0.36
N TYR B 268 -1.93 52.01 -1.18
CA TYR B 268 -2.52 52.71 -2.32
C TYR B 268 -4.02 52.55 -2.45
N GLU B 269 -4.59 51.48 -1.92
CA GLU B 269 -6.01 51.24 -2.14
C GLU B 269 -6.56 50.50 -0.92
N ASP B 270 -7.01 51.27 0.07
CA ASP B 270 -7.49 50.72 1.32
C ASP B 270 -8.92 51.15 1.64
N GLU B 271 -9.59 51.83 0.73
CA GLU B 271 -11.00 52.11 0.95
C GLU B 271 -11.79 50.81 0.95
N GLY B 272 -12.86 50.79 1.72
CA GLY B 272 -13.52 49.52 2.00
C GLY B 272 -12.69 48.75 2.98
N CYS B 273 -12.58 47.45 2.76
CA CYS B 273 -11.72 46.59 3.57
C CYS B 273 -10.89 45.71 2.67
N TRP B 274 -10.35 46.33 1.61
CA TRP B 274 -9.66 45.63 0.53
C TRP B 274 -10.60 44.64 -0.16
N THR B 275 -11.88 44.95 -0.16
CA THR B 275 -12.88 44.09 -0.80
C THR B 275 -13.08 44.43 -2.26
N ARG B 276 -13.02 45.70 -2.62
CA ARG B 276 -13.32 46.12 -3.99
C ARG B 276 -12.03 46.26 -4.78
N ASN B 277 -11.96 45.53 -5.90
CA ASN B 277 -10.79 45.55 -6.76
C ASN B 277 -10.93 46.69 -7.77
N SER B 278 -10.67 47.89 -7.27
CA SER B 278 -10.81 49.08 -8.10
C SER B 278 -9.68 49.16 -9.13
N ASN B 279 -8.43 49.05 -8.67
CA ASN B 279 -7.27 49.02 -9.56
C ASN B 279 -7.03 47.57 -9.96
N MET B 280 -7.20 47.28 -11.24
CA MET B 280 -7.05 45.91 -11.70
C MET B 280 -5.58 45.49 -11.75
N ASN B 281 -4.66 46.46 -11.79
CA ASN B 281 -3.24 46.11 -11.77
C ASN B 281 -2.84 45.53 -10.43
N TYR B 282 -3.41 46.03 -9.33
CA TYR B 282 -3.11 45.48 -8.02
C TYR B 282 -3.82 44.15 -7.82
N TRP B 283 -4.96 43.95 -8.48
CA TRP B 283 -5.67 42.69 -8.41
C TRP B 283 -4.98 41.61 -9.23
N LEU B 284 -4.20 42.03 -10.24
CA LEU B 284 -3.33 41.10 -10.93
C LEU B 284 -2.27 40.50 -10.03
N ILE B 285 -1.85 41.21 -8.97
CA ILE B 285 -0.83 40.70 -8.06
C ILE B 285 -1.22 39.34 -7.50
N ILE B 286 -2.51 39.11 -7.32
CA ILE B 286 -3.00 37.81 -6.88
C ILE B 286 -3.51 36.98 -8.04
N ARG B 287 -4.18 37.59 -9.01
CA ARG B 287 -4.76 36.80 -10.09
C ARG B 287 -3.69 36.09 -10.92
N LEU B 288 -2.56 36.74 -11.18
CA LEU B 288 -1.58 36.17 -12.09
C LEU B 288 -0.85 34.98 -11.50
N PRO B 289 -0.41 34.98 -10.23
CA PRO B 289 0.12 33.74 -9.67
C PRO B 289 -0.90 32.61 -9.62
N ILE B 290 -2.17 32.94 -9.36
CA ILE B 290 -3.20 31.92 -9.38
C ILE B 290 -3.42 31.40 -10.80
N LEU B 291 -3.34 32.30 -11.79
CA LEU B 291 -3.41 31.86 -13.17
C LEU B 291 -2.22 30.98 -13.55
N PHE B 292 -1.04 31.28 -13.01
CA PHE B 292 0.11 30.44 -13.26
C PHE B 292 -0.08 29.05 -12.66
N ALA B 293 -0.56 28.99 -11.42
CA ALA B 293 -0.85 27.70 -10.80
C ALA B 293 -1.88 26.92 -11.62
N ILE B 294 -2.92 27.61 -12.08
CA ILE B 294 -3.98 26.94 -12.85
C ILE B 294 -3.41 26.43 -14.18
N GLY B 295 -2.62 27.25 -14.86
CA GLY B 295 -2.08 26.83 -16.15
C GLY B 295 -1.10 25.69 -16.04
N VAL B 296 -0.20 25.76 -15.05
CA VAL B 296 0.74 24.67 -14.84
C VAL B 296 0.00 23.40 -14.46
N ASN B 297 -1.03 23.50 -13.62
CA ASN B 297 -1.73 22.32 -13.19
C ASN B 297 -2.58 21.74 -14.32
N PHE B 298 -3.01 22.58 -15.26
CA PHE B 298 -3.71 22.06 -16.45
C PHE B 298 -2.75 21.36 -17.39
N LEU B 299 -1.56 21.92 -17.58
CA LEU B 299 -0.53 21.21 -18.35
C LEU B 299 -0.22 19.87 -17.71
N ILE B 300 -0.15 19.82 -16.39
CA ILE B 300 0.07 18.55 -15.69
C ILE B 300 -1.12 17.62 -15.90
N PHE B 301 -2.33 18.16 -15.91
CA PHE B 301 -3.51 17.35 -16.18
C PHE B 301 -3.43 16.70 -17.55
N VAL B 302 -3.05 17.48 -18.56
CA VAL B 302 -2.93 16.94 -19.91
C VAL B 302 -1.85 15.88 -19.97
N ARG B 303 -0.72 16.12 -19.32
CA ARG B 303 0.36 15.13 -19.33
C ARG B 303 -0.04 13.84 -18.60
N VAL B 304 -0.73 13.96 -17.47
CA VAL B 304 -1.13 12.78 -16.72
C VAL B 304 -2.20 11.99 -17.46
N ILE B 305 -3.10 12.69 -18.17
CA ILE B 305 -4.12 11.98 -18.94
C ILE B 305 -3.50 11.35 -20.19
N CYS B 306 -2.48 11.99 -20.78
CA CYS B 306 -1.71 11.33 -21.83
C CYS B 306 -1.07 10.06 -21.33
N ILE B 307 -0.48 10.10 -20.14
CA ILE B 307 0.12 8.89 -19.57
C ILE B 307 -0.93 7.82 -19.34
N VAL B 308 -2.10 8.23 -18.83
CA VAL B 308 -3.15 7.26 -18.52
C VAL B 308 -3.68 6.60 -19.79
N VAL B 309 -3.86 7.37 -20.86
CA VAL B 309 -4.37 6.77 -22.09
C VAL B 309 -3.30 5.94 -22.77
N SER B 310 -2.03 6.33 -22.64
CA SER B 310 -0.95 5.49 -23.15
C SER B 310 -0.93 4.14 -22.44
N LYS B 311 -1.16 4.14 -21.13
CA LYS B 311 -1.15 2.88 -20.39
C LYS B 311 -2.41 2.07 -20.64
N LEU B 312 -3.53 2.73 -20.93
CA LEU B 312 -4.74 2.01 -21.31
C LEU B 312 -4.61 1.39 -22.69
N LYS B 313 -3.91 2.08 -23.60
CA LYS B 313 -3.71 1.55 -24.94
C LYS B 313 -2.72 0.39 -24.93
N ALA B 314 -1.61 0.54 -24.20
CA ALA B 314 -0.65 -0.55 -24.10
C ALA B 314 -1.26 -1.77 -23.40
N ASN B 315 -2.20 -1.52 -22.48
CA ASN B 315 -2.87 -2.60 -21.76
C ASN B 315 -3.62 -3.53 -22.69
N ASP B 321 -13.60 0.11 -24.69
CA ASP B 321 -13.85 0.21 -23.25
C ASP B 321 -12.80 1.10 -22.61
N ILE B 322 -11.76 1.42 -23.38
CA ILE B 322 -10.76 2.39 -22.93
C ILE B 322 -11.42 3.74 -22.65
N LYS B 323 -12.42 4.09 -23.47
CA LYS B 323 -13.03 5.42 -23.34
C LYS B 323 -13.77 5.58 -22.03
N CYS B 324 -14.41 4.53 -21.53
CA CYS B 324 -15.19 4.69 -20.30
C CYS B 324 -14.32 4.73 -19.06
N ARG B 325 -13.27 3.91 -19.00
CA ARG B 325 -12.33 4.01 -17.89
C ARG B 325 -11.55 5.31 -17.96
N LEU B 326 -11.23 5.77 -19.16
CA LEU B 326 -10.59 7.08 -19.32
C LEU B 326 -11.51 8.20 -18.87
N ALA B 327 -12.82 8.05 -19.11
CA ALA B 327 -13.78 9.02 -18.60
C ALA B 327 -13.79 9.02 -17.08
N LYS B 328 -13.80 7.84 -16.46
CA LYS B 328 -13.78 7.77 -15.01
C LYS B 328 -12.51 8.41 -14.45
N SER B 329 -11.37 8.12 -15.06
CA SER B 329 -10.10 8.67 -14.61
C SER B 329 -10.03 10.18 -14.79
N THR B 330 -10.55 10.69 -15.90
CA THR B 330 -10.56 12.14 -16.12
C THR B 330 -11.45 12.84 -15.12
N LEU B 331 -12.62 12.25 -14.84
CA LEU B 331 -13.56 12.88 -13.92
C LEU B 331 -13.06 12.80 -12.49
N THR B 332 -12.24 11.80 -12.16
CA THR B 332 -11.62 11.80 -10.84
C THR B 332 -10.44 12.76 -10.76
N LEU B 333 -9.70 12.93 -11.86
CA LEU B 333 -8.53 13.79 -11.83
C LEU B 333 -8.91 15.27 -11.86
N ILE B 334 -10.08 15.59 -12.43
CA ILE B 334 -10.49 16.99 -12.51
C ILE B 334 -10.56 17.68 -11.14
N PRO B 335 -11.24 17.12 -10.12
CA PRO B 335 -11.29 17.83 -8.84
C PRO B 335 -9.95 17.91 -8.12
N LEU B 336 -9.09 16.91 -8.26
CA LEU B 336 -7.85 16.90 -7.50
C LEU B 336 -6.89 17.98 -7.97
N LEU B 337 -6.95 18.36 -9.24
CA LEU B 337 -6.10 19.41 -9.74
C LEU B 337 -6.82 20.74 -9.89
N GLY B 338 -8.15 20.73 -9.85
CA GLY B 338 -8.90 21.95 -10.06
C GLY B 338 -8.91 22.40 -11.49
N THR B 339 -8.96 21.46 -12.43
CA THR B 339 -8.83 21.80 -13.83
C THR B 339 -10.09 22.41 -14.41
N HIS B 340 -11.24 22.25 -13.75
CA HIS B 340 -12.43 22.98 -14.14
C HIS B 340 -12.21 24.48 -14.12
N GLU B 341 -11.22 24.94 -13.38
CA GLU B 341 -10.89 26.36 -13.29
C GLU B 341 -10.17 26.88 -14.52
N VAL B 342 -9.79 26.01 -15.47
CA VAL B 342 -9.11 26.52 -16.67
C VAL B 342 -10.12 26.94 -17.72
N ILE B 343 -11.40 26.65 -17.53
CA ILE B 343 -12.43 27.09 -18.48
C ILE B 343 -12.52 28.61 -18.50
N PHE B 344 -12.66 29.22 -17.33
CA PHE B 344 -12.81 30.66 -17.22
C PHE B 344 -11.63 31.34 -16.55
N ALA B 345 -10.49 30.67 -16.44
CA ALA B 345 -9.31 31.29 -15.83
C ALA B 345 -8.85 32.50 -16.61
N PHE B 346 -8.84 32.40 -17.94
CA PHE B 346 -8.28 33.44 -18.79
C PHE B 346 -9.35 34.32 -19.41
N VAL B 347 -10.60 34.15 -18.99
CA VAL B 347 -11.62 35.17 -19.12
C VAL B 347 -11.50 36.05 -17.89
N MET B 348 -10.86 37.20 -18.03
CA MET B 348 -10.53 38.04 -16.89
C MET B 348 -11.72 38.91 -16.51
N ASP B 349 -11.71 39.37 -15.26
CA ASP B 349 -12.84 40.17 -14.77
C ASP B 349 -12.84 41.57 -15.37
N GLU B 350 -11.68 42.05 -15.85
CA GLU B 350 -11.67 43.30 -16.61
C GLU B 350 -12.48 43.20 -17.89
N HIS B 351 -12.65 41.99 -18.41
CA HIS B 351 -13.32 41.75 -19.68
C HIS B 351 -14.64 41.02 -19.54
N ALA B 352 -14.80 40.18 -18.51
CA ALA B 352 -16.08 39.53 -18.29
C ALA B 352 -17.12 40.55 -17.86
N ARG B 353 -18.21 40.64 -18.62
CA ARG B 353 -19.26 41.60 -18.36
C ARG B 353 -20.61 40.92 -18.56
N GLY B 354 -21.59 41.37 -17.78
CA GLY B 354 -22.95 40.91 -17.95
C GLY B 354 -23.11 39.42 -17.76
N THR B 355 -23.79 38.78 -18.71
CA THR B 355 -24.08 37.35 -18.63
C THR B 355 -22.82 36.49 -18.67
N LEU B 356 -21.80 36.89 -19.42
CA LEU B 356 -20.54 36.17 -19.39
C LEU B 356 -19.91 36.25 -18.01
N ARG B 357 -19.96 37.42 -17.38
CA ARG B 357 -19.43 37.57 -16.03
C ARG B 357 -20.19 36.71 -15.05
N PHE B 358 -21.52 36.66 -15.17
CA PHE B 358 -22.29 35.82 -14.26
C PHE B 358 -21.98 34.35 -14.48
N ILE B 359 -21.82 33.92 -15.73
CA ILE B 359 -21.55 32.52 -15.98
C ILE B 359 -20.16 32.15 -15.48
N LYS B 360 -19.18 33.04 -15.66
CA LYS B 360 -17.86 32.81 -15.08
C LYS B 360 -17.94 32.67 -13.57
N LEU B 361 -18.60 33.61 -12.90
CA LEU B 361 -18.73 33.54 -11.45
C LEU B 361 -19.48 32.30 -11.02
N PHE B 362 -20.57 31.97 -11.70
CA PHE B 362 -21.36 30.82 -11.30
C PHE B 362 -20.56 29.53 -11.44
N THR B 363 -19.98 29.31 -12.62
CA THR B 363 -19.18 28.12 -12.83
C THR B 363 -18.04 28.02 -11.83
N GLU B 364 -17.26 29.09 -11.68
CA GLU B 364 -16.10 29.02 -10.81
C GLU B 364 -16.50 28.85 -9.35
N LEU B 365 -17.44 29.66 -8.85
CA LEU B 365 -17.83 29.55 -7.45
C LEU B 365 -18.51 28.22 -7.15
N SER B 366 -19.37 27.74 -8.05
CA SER B 366 -20.06 26.48 -7.82
C SER B 366 -19.11 25.32 -7.84
N PHE B 367 -18.16 25.31 -8.79
CA PHE B 367 -17.28 24.17 -8.90
C PHE B 367 -16.19 24.17 -7.84
N THR B 368 -15.69 25.34 -7.44
CA THR B 368 -14.67 25.36 -6.39
C THR B 368 -15.29 25.20 -5.01
N SER B 369 -16.52 25.68 -4.82
CA SER B 369 -17.17 25.50 -3.53
C SER B 369 -17.50 24.04 -3.28
N PHE B 370 -17.90 23.32 -4.32
CA PHE B 370 -18.16 21.90 -4.23
C PHE B 370 -16.94 21.05 -4.54
N GLN B 371 -15.79 21.69 -4.81
CA GLN B 371 -14.60 20.93 -5.16
C GLN B 371 -14.05 20.18 -3.96
N GLY B 372 -14.08 20.80 -2.78
CA GLY B 372 -13.61 20.11 -1.60
C GLY B 372 -14.42 18.87 -1.30
N LEU B 373 -15.72 18.93 -1.58
CA LEU B 373 -16.58 17.76 -1.41
C LEU B 373 -16.19 16.65 -2.38
N MET B 374 -15.95 16.99 -3.64
CA MET B 374 -15.59 15.98 -4.62
C MET B 374 -14.21 15.40 -4.34
N VAL B 375 -13.31 16.20 -3.78
CA VAL B 375 -11.98 15.69 -3.45
C VAL B 375 -12.05 14.81 -2.21
N ALA B 376 -12.89 15.18 -1.24
CA ALA B 376 -13.09 14.32 -0.08
C ALA B 376 -13.73 13.00 -0.47
N ILE B 377 -14.62 13.02 -1.47
CA ILE B 377 -15.28 11.80 -1.90
C ILE B 377 -14.33 10.93 -2.71
N LEU B 378 -13.79 11.48 -3.79
CA LEU B 378 -12.99 10.68 -4.73
C LEU B 378 -11.68 10.23 -4.09
N TYR B 379 -11.10 11.05 -3.24
CA TYR B 379 -9.76 10.78 -2.73
C TYR B 379 -9.73 10.44 -1.25
N CYS B 380 -10.86 10.47 -0.57
CA CYS B 380 -10.89 9.84 0.74
C CYS B 380 -11.96 8.76 0.81
N PHE B 381 -13.22 9.10 0.51
CA PHE B 381 -14.32 8.21 0.85
C PHE B 381 -14.38 6.99 -0.05
N VAL B 382 -14.47 7.20 -1.36
CA VAL B 382 -14.60 6.09 -2.29
C VAL B 382 -13.21 5.62 -2.69
N ASN B 383 -12.18 6.10 -1.98
CA ASN B 383 -10.83 5.61 -2.18
C ASN B 383 -10.73 4.17 -1.68
N ASN B 384 -10.09 3.31 -2.48
CA ASN B 384 -10.04 1.89 -2.15
C ASN B 384 -9.18 1.61 -0.93
N GLU B 385 -8.08 2.34 -0.74
CA GLU B 385 -7.27 2.13 0.44
C GLU B 385 -8.04 2.52 1.70
N VAL B 386 -8.78 3.61 1.66
CA VAL B 386 -9.57 4.02 2.81
C VAL B 386 -10.72 3.05 3.04
N GLN B 387 -11.32 2.53 1.96
CA GLN B 387 -12.41 1.57 2.12
C GLN B 387 -11.91 0.27 2.72
N LEU B 388 -10.70 -0.17 2.34
CA LEU B 388 -10.15 -1.35 2.97
C LEU B 388 -9.76 -1.09 4.42
N GLU B 389 -9.28 0.12 4.72
CA GLU B 389 -9.01 0.45 6.12
C GLU B 389 -10.28 0.40 6.95
N PHE B 390 -11.38 0.92 6.40
CA PHE B 390 -12.66 0.86 7.12
C PHE B 390 -13.15 -0.57 7.26
N ARG B 391 -13.00 -1.39 6.22
CA ARG B 391 -13.39 -2.78 6.29
C ARG B 391 -12.58 -3.54 7.34
N LYS B 392 -11.27 -3.28 7.40
CA LYS B 392 -10.44 -3.96 8.37
C LYS B 392 -10.76 -3.51 9.79
N SER B 393 -10.97 -2.21 9.99
CA SER B 393 -11.38 -1.74 11.31
C SER B 393 -12.71 -2.35 11.71
N TRP B 394 -13.63 -2.49 10.76
CA TRP B 394 -14.93 -3.07 11.07
C TRP B 394 -14.80 -4.54 11.46
N GLU B 395 -14.04 -5.32 10.69
CA GLU B 395 -13.93 -6.74 11.00
C GLU B 395 -13.14 -6.96 12.28
N ARG B 396 -12.20 -6.06 12.60
CA ARG B 396 -11.52 -6.14 13.89
C ARG B 396 -12.48 -5.83 15.03
N TRP B 397 -13.38 -4.87 14.83
CA TRP B 397 -14.39 -4.60 15.85
C TRP B 397 -15.32 -5.79 16.01
N ARG B 398 -15.67 -6.44 14.91
CA ARG B 398 -16.52 -7.62 14.97
C ARG B 398 -15.83 -8.75 15.70
N LEU B 399 -14.50 -8.82 15.59
CA LEU B 399 -13.72 -9.78 16.37
C LEU B 399 -13.69 -9.44 17.86
N GLU B 400 -14.09 -8.24 18.24
CA GLU B 400 -14.25 -7.90 19.66
C GLU B 400 -15.68 -7.45 19.93
N ASP C 11 21.10 9.13 36.78
CA ASP C 11 20.31 7.93 37.03
C ASP C 11 19.54 7.48 35.79
N GLN C 12 18.26 7.13 35.97
CA GLN C 12 17.45 6.63 34.87
C GLN C 12 17.34 7.64 33.73
N ARG C 13 17.32 8.93 34.05
CA ARG C 13 17.27 9.93 32.99
C ARG C 13 18.56 9.97 32.20
N ASN C 14 19.69 9.64 32.82
CA ASN C 14 20.95 9.58 32.08
C ASN C 14 20.92 8.49 31.02
N GLU C 15 20.48 7.29 31.40
CA GLU C 15 20.41 6.20 30.41
C GLU C 15 19.34 6.50 29.37
N GLU C 16 18.24 7.16 29.77
CA GLU C 16 17.22 7.52 28.78
C GLU C 16 17.75 8.53 27.76
N LYS C 17 18.54 9.50 28.21
CA LYS C 17 19.12 10.46 27.26
C LYS C 17 20.14 9.79 26.36
N ALA C 18 20.94 8.86 26.91
CA ALA C 18 21.86 8.10 26.07
C ALA C 18 21.10 7.29 25.02
N GLN C 19 19.99 6.68 25.42
CA GLN C 19 19.17 5.93 24.47
C GLN C 19 18.57 6.84 23.41
N ARG C 20 18.12 8.04 23.79
CA ARG C 20 17.59 8.95 22.79
C ARG C 20 18.67 9.41 21.83
N GLU C 21 19.90 9.61 22.32
CA GLU C 21 21.00 9.98 21.43
C GLU C 21 21.28 8.87 20.43
N ALA C 22 21.38 7.63 20.91
CA ALA C 22 21.62 6.50 20.02
C ALA C 22 20.48 6.35 19.02
N ASN C 23 19.24 6.52 19.48
CA ASN C 23 18.09 6.39 18.60
C ASN C 23 18.07 7.48 17.54
N LYS C 24 18.47 8.71 17.90
CA LYS C 24 18.52 9.78 16.91
C LYS C 24 19.60 9.52 15.86
N LYS C 25 20.78 9.08 16.28
CA LYS C 25 21.80 8.72 15.30
C LYS C 25 21.32 7.61 14.38
N ILE C 26 20.67 6.59 14.97
CA ILE C 26 20.17 5.48 14.19
C ILE C 26 19.10 5.95 13.21
N GLU C 27 18.20 6.83 13.65
CA GLU C 27 17.13 7.27 12.79
C GLU C 27 17.62 8.18 11.68
N LYS C 28 18.70 8.94 11.92
CA LYS C 28 19.32 9.68 10.83
C LYS C 28 19.90 8.73 9.79
N GLN C 29 20.63 7.71 10.26
CA GLN C 29 21.16 6.71 9.33
C GLN C 29 20.05 5.97 8.61
N LEU C 30 18.93 5.70 9.29
CA LEU C 30 17.82 5.00 8.67
C LEU C 30 17.08 5.88 7.68
N GLN C 31 17.06 7.19 7.89
CA GLN C 31 16.50 8.09 6.90
C GLN C 31 17.37 8.12 5.65
N LYS C 32 18.69 8.18 5.82
CA LYS C 32 19.57 8.09 4.66
C LYS C 32 19.40 6.76 3.94
N ASP C 33 19.26 5.67 4.70
CA ASP C 33 19.13 4.35 4.12
C ASP C 33 17.78 4.17 3.44
N LYS C 34 16.73 4.80 3.95
CA LYS C 34 15.45 4.79 3.26
C LYS C 34 15.52 5.57 1.96
N GLN C 35 16.25 6.69 1.98
CA GLN C 35 16.46 7.43 0.73
C GLN C 35 17.18 6.60 -0.31
N VAL C 36 18.18 5.82 0.12
CA VAL C 36 18.89 4.96 -0.82
C VAL C 36 18.01 3.80 -1.27
N TYR C 37 17.20 3.27 -0.35
CA TYR C 37 16.40 2.07 -0.63
C TYR C 37 15.25 2.37 -1.58
N ARG C 38 14.48 3.41 -1.30
CA ARG C 38 13.38 3.78 -2.18
C ARG C 38 13.87 4.15 -3.57
N ALA C 39 15.06 4.73 -3.66
CA ALA C 39 15.62 5.14 -4.93
C ALA C 39 16.18 3.98 -5.75
N THR C 40 16.23 2.79 -5.19
CA THR C 40 16.81 1.63 -5.84
C THR C 40 15.70 0.69 -6.30
N HIS C 41 15.77 0.25 -7.56
CA HIS C 41 14.87 -0.78 -8.02
C HIS C 41 15.50 -2.15 -7.82
N ARG C 42 14.75 -3.03 -7.18
CA ARG C 42 15.15 -4.41 -6.96
C ARG C 42 14.52 -5.26 -8.05
N LEU C 43 15.33 -6.08 -8.68
CA LEU C 43 14.87 -6.99 -9.72
C LEU C 43 15.28 -8.41 -9.35
N LEU C 44 14.35 -9.35 -9.47
CA LEU C 44 14.68 -10.76 -9.36
C LEU C 44 14.97 -11.27 -10.76
N LEU C 45 15.95 -12.14 -10.90
CA LEU C 45 16.23 -12.79 -12.18
C LEU C 45 15.92 -14.27 -12.07
N LEU C 46 14.98 -14.75 -12.87
CA LEU C 46 14.54 -16.13 -12.86
C LEU C 46 14.70 -16.74 -14.24
N GLY C 47 14.79 -18.07 -14.26
CA GLY C 47 14.89 -18.79 -15.52
C GLY C 47 15.45 -20.17 -15.28
N ALA C 48 15.52 -20.93 -16.36
CA ALA C 48 16.18 -22.22 -16.32
C ALA C 48 17.69 -22.05 -16.54
N GLY C 49 18.42 -23.15 -16.34
CA GLY C 49 19.86 -23.10 -16.50
C GLY C 49 20.31 -22.78 -17.92
N GLU C 50 19.63 -23.35 -18.91
CA GLU C 50 19.97 -23.10 -20.31
C GLU C 50 19.25 -21.88 -20.86
N SER C 51 18.48 -21.18 -20.03
CA SER C 51 17.66 -20.06 -20.48
C SER C 51 18.47 -18.87 -20.95
N GLY C 52 19.76 -18.82 -20.65
CA GLY C 52 20.58 -17.69 -21.04
C GLY C 52 20.52 -16.53 -20.08
N LYS C 53 20.33 -16.80 -18.79
CA LYS C 53 20.42 -15.74 -17.79
C LYS C 53 21.84 -15.19 -17.72
N ASN C 54 22.83 -16.03 -18.03
CA ASN C 54 24.19 -15.54 -18.17
C ASN C 54 24.28 -14.47 -19.25
N THR C 55 23.58 -14.67 -20.35
CA THR C 55 23.53 -13.65 -21.40
C THR C 55 22.92 -12.36 -20.86
N ILE C 56 21.80 -12.45 -20.15
CA ILE C 56 21.14 -11.25 -19.63
C ILE C 56 22.06 -10.50 -18.67
N VAL C 57 22.70 -11.22 -17.74
CA VAL C 57 23.57 -10.53 -16.78
C VAL C 57 24.78 -9.93 -17.47
N LYS C 58 25.32 -10.61 -18.49
CA LYS C 58 26.44 -10.05 -19.24
C LYS C 58 26.03 -8.76 -19.95
N GLN C 59 24.89 -8.77 -20.64
CA GLN C 59 24.45 -7.59 -21.36
C GLN C 59 24.06 -6.46 -20.40
N MET C 60 23.61 -6.82 -19.19
CA MET C 60 23.34 -5.80 -18.18
C MET C 60 24.63 -5.18 -17.68
N ARG C 61 25.68 -5.98 -17.49
CA ARG C 61 26.93 -5.45 -16.96
C ARG C 61 27.70 -4.66 -18.00
N ILE C 62 27.55 -4.99 -19.29
CA ILE C 62 28.24 -4.22 -20.32
C ILE C 62 27.77 -2.77 -20.33
N LEU C 63 26.47 -2.54 -20.36
CA LEU C 63 25.93 -1.19 -20.36
C LEU C 63 25.56 -0.73 -18.96
N ARG C 201 28.66 -25.00 -10.49
CA ARG C 201 29.88 -25.27 -9.73
C ARG C 201 30.73 -24.01 -9.67
N VAL C 202 30.24 -22.95 -10.31
CA VAL C 202 30.87 -21.63 -10.27
C VAL C 202 30.11 -20.68 -9.36
N LEU C 203 28.95 -21.09 -8.85
CA LEU C 203 28.10 -20.24 -8.02
C LEU C 203 28.20 -20.72 -6.58
N THR C 204 28.98 -20.01 -5.76
CA THR C 204 29.20 -20.41 -4.37
C THR C 204 28.30 -19.66 -3.39
N SER C 205 27.88 -18.44 -3.73
CA SER C 205 26.95 -17.70 -2.88
C SER C 205 25.52 -17.95 -3.36
N GLY C 206 24.59 -17.97 -2.41
CA GLY C 206 23.20 -18.24 -2.72
C GLY C 206 22.46 -17.11 -3.38
N ILE C 207 23.08 -15.95 -3.54
CA ILE C 207 22.45 -14.80 -4.17
C ILE C 207 23.54 -13.99 -4.86
N PHE C 208 23.23 -13.44 -6.03
CA PHE C 208 24.19 -12.68 -6.81
C PHE C 208 23.58 -11.32 -7.15
N GLU C 209 23.96 -10.30 -6.38
CA GLU C 209 23.48 -8.95 -6.62
C GLU C 209 24.42 -8.26 -7.60
N THR C 210 23.88 -7.86 -8.75
CA THR C 210 24.60 -7.05 -9.71
C THR C 210 23.86 -5.73 -9.87
N LYS C 211 24.59 -4.63 -9.71
CA LYS C 211 23.99 -3.31 -9.69
C LYS C 211 24.30 -2.57 -10.99
N PHE C 212 23.27 -1.96 -11.56
CA PHE C 212 23.41 -1.16 -12.77
C PHE C 212 22.90 0.23 -12.51
N GLN C 213 23.29 1.15 -13.38
CA GLN C 213 22.82 2.53 -13.32
C GLN C 213 22.37 2.91 -14.72
N VAL C 214 21.06 3.08 -14.89
CA VAL C 214 20.47 3.46 -16.17
C VAL C 214 19.77 4.78 -15.97
N ASP C 215 20.23 5.81 -16.68
CA ASP C 215 19.75 7.18 -16.51
C ASP C 215 19.84 7.60 -15.05
N LYS C 216 21.00 7.30 -14.43
CA LYS C 216 21.28 7.50 -13.01
C LYS C 216 20.19 6.94 -12.11
N VAL C 217 19.47 5.92 -12.60
CA VAL C 217 18.52 5.16 -11.80
C VAL C 217 19.19 3.84 -11.44
N ASN C 218 19.23 3.54 -10.15
CA ASN C 218 19.94 2.37 -9.67
C ASN C 218 19.05 1.14 -9.70
N PHE C 219 19.61 0.04 -10.21
CA PHE C 219 18.94 -1.25 -10.25
C PHE C 219 19.82 -2.27 -9.57
N HIS C 220 19.23 -3.06 -8.68
CA HIS C 220 19.93 -4.20 -8.09
C HIS C 220 19.23 -5.45 -8.56
N MET C 221 19.86 -6.19 -9.48
CA MET C 221 19.29 -7.42 -9.99
C MET C 221 19.91 -8.59 -9.25
N PHE C 222 19.07 -9.46 -8.73
CA PHE C 222 19.50 -10.56 -7.88
C PHE C 222 19.31 -11.88 -8.61
N ASP C 223 20.38 -12.42 -9.12
CA ASP C 223 20.38 -13.78 -9.67
C ASP C 223 20.33 -14.76 -8.51
N VAL C 224 19.30 -15.60 -8.47
CA VAL C 224 19.15 -16.59 -7.40
C VAL C 224 19.90 -17.84 -7.84
N GLY C 225 21.22 -17.80 -7.68
CA GLY C 225 22.05 -18.95 -7.90
C GLY C 225 22.32 -19.68 -6.59
N ALA C 226 22.80 -20.91 -6.73
CA ALA C 226 23.10 -21.77 -5.57
C ALA C 226 21.86 -21.98 -4.70
N GLN C 227 20.73 -22.26 -5.33
CA GLN C 227 19.51 -22.65 -4.63
C GLN C 227 18.99 -23.94 -5.24
N ARG C 228 18.07 -24.60 -4.53
CA ARG C 228 17.44 -25.79 -5.07
C ARG C 228 16.38 -25.41 -6.08
N ASP C 229 15.93 -26.40 -6.84
CA ASP C 229 14.90 -26.19 -7.85
C ASP C 229 13.50 -26.09 -7.24
N GLU C 230 13.39 -26.15 -5.92
CA GLU C 230 12.13 -25.88 -5.24
C GLU C 230 12.09 -24.42 -4.81
N ARG C 231 11.22 -23.64 -5.43
CA ARG C 231 11.23 -22.20 -5.30
C ARG C 231 10.11 -21.64 -4.45
N ARG C 232 9.13 -22.46 -4.05
CA ARG C 232 7.89 -21.92 -3.50
C ARG C 232 8.11 -21.19 -2.18
N LYS C 233 9.23 -21.42 -1.52
CA LYS C 233 9.50 -20.77 -0.25
C LYS C 233 10.36 -19.54 -0.36
N TRP C 234 11.37 -19.54 -1.23
CA TRP C 234 12.18 -18.36 -1.37
C TRP C 234 11.70 -17.44 -2.47
N ILE C 235 10.69 -17.84 -3.24
CA ILE C 235 10.13 -16.94 -4.23
C ILE C 235 9.29 -15.86 -3.55
N GLN C 236 8.63 -16.19 -2.44
CA GLN C 236 7.80 -15.22 -1.75
C GLN C 236 8.65 -14.19 -1.02
N CYS C 237 9.96 -14.36 -1.04
CA CYS C 237 10.91 -13.35 -0.62
C CYS C 237 11.00 -12.19 -1.60
N PHE C 238 10.69 -12.41 -2.87
CA PHE C 238 10.68 -11.35 -3.87
C PHE C 238 9.25 -10.93 -4.20
N ASN C 239 8.54 -10.44 -3.19
CA ASN C 239 7.15 -10.07 -3.40
C ASN C 239 6.97 -8.57 -3.34
N ASP C 240 8.05 -7.88 -3.03
CA ASP C 240 8.07 -6.43 -3.11
C ASP C 240 9.13 -5.96 -4.09
N VAL C 241 9.79 -6.89 -4.77
CA VAL C 241 10.72 -6.58 -5.84
C VAL C 241 9.96 -5.82 -6.93
N THR C 242 10.66 -4.93 -7.64
CA THR C 242 9.99 -4.17 -8.69
C THR C 242 9.48 -5.09 -9.79
N ALA C 243 10.33 -6.00 -10.25
CA ALA C 243 9.94 -6.92 -11.30
C ALA C 243 10.72 -8.21 -11.15
N ILE C 244 10.08 -9.29 -11.59
CA ILE C 244 10.76 -10.56 -11.81
C ILE C 244 11.06 -10.65 -13.29
N ILE C 245 12.34 -10.71 -13.64
CA ILE C 245 12.78 -10.86 -15.00
C ILE C 245 12.86 -12.34 -15.29
N PHE C 246 11.88 -12.85 -16.02
CA PHE C 246 11.70 -14.26 -16.29
C PHE C 246 12.30 -14.55 -17.67
N VAL C 247 13.46 -15.16 -17.69
CA VAL C 247 14.20 -15.45 -18.92
C VAL C 247 13.88 -16.88 -19.33
N VAL C 248 13.42 -17.05 -20.57
CA VAL C 248 12.89 -18.32 -21.05
C VAL C 248 13.87 -18.92 -22.05
N ALA C 249 14.13 -20.22 -21.93
CA ALA C 249 14.88 -20.97 -22.93
C ALA C 249 13.94 -21.39 -24.06
N SER C 250 13.57 -20.40 -24.89
CA SER C 250 12.57 -20.64 -25.92
C SER C 250 13.07 -21.60 -27.00
N SER C 251 14.38 -21.64 -27.25
CA SER C 251 14.91 -22.50 -28.29
C SER C 251 15.47 -23.82 -27.76
N SER C 252 15.56 -23.99 -26.44
CA SER C 252 15.96 -25.27 -25.87
C SER C 252 14.89 -26.34 -26.10
N TYR C 253 13.70 -25.94 -26.52
CA TYR C 253 12.68 -26.88 -26.95
C TYR C 253 13.15 -27.64 -28.20
N ASN C 254 13.36 -28.94 -28.04
CA ASN C 254 13.83 -29.82 -29.11
C ASN C 254 15.07 -29.26 -29.80
N GLN C 262 16.68 -30.95 -21.69
CA GLN C 262 15.26 -31.17 -21.94
C GLN C 262 14.90 -31.04 -23.41
N THR C 263 13.72 -31.56 -23.76
CA THR C 263 13.09 -31.29 -25.04
C THR C 263 11.81 -30.48 -24.89
N ASN C 264 11.42 -30.13 -23.65
CA ASN C 264 10.25 -29.32 -23.39
C ASN C 264 10.53 -28.25 -22.34
N ARG C 265 11.63 -27.51 -22.50
CA ARG C 265 11.90 -26.39 -21.60
C ARG C 265 10.80 -25.34 -21.64
N LEU C 266 10.09 -25.24 -22.76
CA LEU C 266 9.14 -24.16 -22.94
C LEU C 266 7.88 -24.39 -22.09
N GLN C 267 7.41 -25.63 -22.02
CA GLN C 267 6.28 -25.92 -21.14
C GLN C 267 6.68 -25.79 -19.67
N ALA C 268 7.93 -26.13 -19.34
CA ALA C 268 8.41 -25.91 -17.99
C ALA C 268 8.41 -24.43 -17.63
N ALA C 269 8.84 -23.58 -18.57
CA ALA C 269 8.82 -22.14 -18.33
C ALA C 269 7.39 -21.62 -18.24
N LEU C 270 6.48 -22.16 -19.06
CA LEU C 270 5.09 -21.77 -18.97
C LEU C 270 4.50 -22.14 -17.62
N LYS C 271 4.83 -23.31 -17.09
CA LYS C 271 4.28 -23.73 -15.81
C LYS C 271 4.88 -22.92 -14.67
N LEU C 272 6.17 -22.60 -14.73
CA LEU C 272 6.75 -21.72 -13.73
C LEU C 272 6.13 -20.33 -13.79
N PHE C 273 5.82 -19.87 -15.00
CA PHE C 273 5.17 -18.58 -15.18
C PHE C 273 3.78 -18.56 -14.58
N ASP C 274 3.01 -19.62 -14.81
CA ASP C 274 1.68 -19.73 -14.23
C ASP C 274 1.76 -19.81 -12.70
N SER C 275 2.80 -20.47 -12.18
CA SER C 275 3.00 -20.48 -10.74
C SER C 275 3.30 -19.09 -10.21
N ILE C 276 4.05 -18.29 -10.98
CA ILE C 276 4.45 -16.97 -10.52
C ILE C 276 3.27 -16.00 -10.53
N TRP C 277 2.43 -16.06 -11.59
CA TRP C 277 1.28 -15.16 -11.61
C TRP C 277 0.33 -15.41 -10.46
N ASN C 278 0.00 -16.67 -10.22
CA ASN C 278 -1.10 -17.02 -9.33
C ASN C 278 -0.63 -17.28 -7.92
N ASN C 279 0.64 -17.06 -7.64
CA ASN C 279 1.11 -17.03 -6.26
C ASN C 279 0.55 -15.79 -5.60
N LYS C 280 -0.15 -15.96 -4.47
CA LYS C 280 -0.85 -14.84 -3.86
C LYS C 280 0.11 -13.78 -3.34
N TRP C 281 1.39 -14.12 -3.18
CA TRP C 281 2.37 -13.12 -2.78
C TRP C 281 2.98 -12.40 -3.97
N LEU C 282 2.98 -13.03 -5.14
CA LEU C 282 3.46 -12.40 -6.36
C LEU C 282 2.34 -11.87 -7.23
N ARG C 283 1.13 -11.74 -6.69
CA ARG C 283 0.01 -11.21 -7.47
C ARG C 283 0.16 -9.71 -7.74
N ASP C 284 0.98 -9.02 -6.96
CA ASP C 284 1.30 -7.63 -7.23
C ASP C 284 2.64 -7.45 -7.92
N THR C 285 3.34 -8.54 -8.21
CA THR C 285 4.69 -8.47 -8.76
C THR C 285 4.63 -8.61 -10.27
N SER C 286 5.07 -7.57 -10.97
CA SER C 286 5.09 -7.62 -12.41
C SER C 286 6.27 -8.48 -12.88
N VAL C 287 6.10 -9.05 -14.07
CA VAL C 287 7.11 -9.94 -14.63
C VAL C 287 7.52 -9.39 -15.98
N ILE C 288 8.80 -9.09 -16.13
CA ILE C 288 9.39 -8.75 -17.42
C ILE C 288 9.85 -10.04 -18.05
N LEU C 289 9.23 -10.41 -19.16
CA LEU C 289 9.39 -11.71 -19.78
C LEU C 289 10.36 -11.60 -20.94
N PHE C 290 11.50 -12.26 -20.83
CA PHE C 290 12.50 -12.27 -21.90
C PHE C 290 12.51 -13.62 -22.57
N LEU C 291 12.01 -13.68 -23.80
CA LEU C 291 12.10 -14.87 -24.64
C LEU C 291 13.46 -14.81 -25.32
N ASN C 292 14.38 -15.64 -24.85
CA ASN C 292 15.80 -15.29 -24.84
C ASN C 292 16.61 -15.80 -26.03
N LYS C 293 16.14 -16.80 -26.76
CA LYS C 293 17.02 -17.50 -27.67
C LYS C 293 16.40 -17.57 -29.08
N GLN C 294 16.21 -16.39 -29.67
CA GLN C 294 15.70 -16.29 -31.03
C GLN C 294 16.72 -16.76 -32.07
N ASP C 295 18.01 -16.69 -31.74
CA ASP C 295 19.06 -17.09 -32.66
C ASP C 295 19.00 -18.57 -33.01
N LEU C 296 18.56 -19.40 -32.08
CA LEU C 296 18.35 -20.83 -32.33
C LEU C 296 16.89 -21.15 -32.65
N LEU C 297 15.95 -20.35 -32.14
CA LEU C 297 14.55 -20.53 -32.51
C LEU C 297 14.35 -20.39 -34.01
N ALA C 298 15.01 -19.40 -34.63
CA ALA C 298 14.93 -19.26 -36.07
C ALA C 298 15.43 -20.51 -36.79
N GLU C 299 16.63 -20.97 -36.40
CA GLU C 299 17.22 -22.12 -37.07
C GLU C 299 16.36 -23.36 -36.94
N LYS C 300 15.83 -23.62 -35.74
CA LYS C 300 15.05 -24.85 -35.58
C LYS C 300 13.65 -24.73 -36.18
N VAL C 301 13.09 -23.53 -36.28
CA VAL C 301 11.74 -23.39 -36.80
C VAL C 301 11.75 -23.46 -38.33
N LEU C 302 12.64 -22.70 -38.97
CA LEU C 302 12.61 -22.68 -40.43
C LEU C 302 13.10 -24.00 -41.03
N ALA C 303 14.04 -24.67 -40.37
CA ALA C 303 14.61 -25.89 -40.90
C ALA C 303 13.79 -27.14 -40.59
N GLY C 304 12.61 -26.99 -39.99
CA GLY C 304 11.84 -28.15 -39.61
C GLY C 304 12.43 -28.92 -38.45
N LYS C 305 13.25 -28.26 -37.63
CA LYS C 305 13.87 -28.88 -36.47
C LYS C 305 13.09 -28.63 -35.19
N SER C 306 12.36 -27.51 -35.11
CA SER C 306 11.62 -27.21 -33.89
C SER C 306 10.43 -28.15 -33.72
N LYS C 307 9.55 -28.19 -34.71
CA LYS C 307 8.26 -28.86 -34.60
C LYS C 307 7.51 -28.41 -33.35
N ILE C 308 7.20 -27.11 -33.32
CA ILE C 308 6.43 -26.55 -32.22
C ILE C 308 5.05 -27.21 -32.17
N GLU C 309 4.53 -27.61 -33.33
CA GLU C 309 3.26 -28.33 -33.37
C GLU C 309 3.33 -29.68 -32.68
N ASP C 310 4.53 -30.24 -32.50
CA ASP C 310 4.68 -31.54 -31.87
C ASP C 310 4.33 -31.48 -30.38
N TYR C 311 4.80 -30.45 -29.67
CA TYR C 311 4.48 -30.29 -28.26
C TYR C 311 3.49 -29.17 -28.00
N PHE C 312 3.12 -28.40 -29.01
CA PHE C 312 2.07 -27.37 -28.90
C PHE C 312 1.21 -27.45 -30.16
N PRO C 313 0.23 -28.35 -30.19
CA PRO C 313 -0.54 -28.57 -31.42
C PRO C 313 -1.31 -27.36 -31.91
N GLU C 314 -1.76 -26.48 -31.02
CA GLU C 314 -2.48 -25.29 -31.45
C GLU C 314 -1.60 -24.36 -32.29
N PHE C 315 -0.28 -24.51 -32.22
CA PHE C 315 0.60 -23.77 -33.12
C PHE C 315 0.31 -24.10 -34.58
N ALA C 316 -0.13 -25.33 -34.85
CA ALA C 316 -0.52 -25.70 -36.21
C ALA C 316 -1.71 -24.90 -36.70
N ARG C 317 -2.47 -24.28 -35.80
CA ARG C 317 -3.59 -23.42 -36.19
C ARG C 317 -3.33 -21.95 -35.84
N TYR C 318 -2.10 -21.60 -35.54
CA TYR C 318 -1.73 -20.24 -35.15
C TYR C 318 -1.09 -19.53 -36.34
N THR C 319 -1.54 -18.31 -36.62
CA THR C 319 -0.93 -17.46 -37.62
C THR C 319 -0.43 -16.19 -36.94
N THR C 320 0.51 -15.53 -37.60
CA THR C 320 1.11 -14.32 -37.06
C THR C 320 0.02 -13.29 -36.75
N PRO C 321 -0.01 -12.73 -35.54
CA PRO C 321 -1.12 -11.85 -35.16
C PRO C 321 -1.07 -10.52 -35.90
N GLU C 322 -2.17 -9.78 -35.79
CA GLU C 322 -2.36 -8.56 -36.57
C GLU C 322 -1.42 -7.45 -36.14
N ASP C 323 -0.81 -7.54 -34.96
CA ASP C 323 0.02 -6.46 -34.43
C ASP C 323 1.50 -6.84 -34.34
N ALA C 324 1.90 -7.95 -34.94
CA ALA C 324 3.30 -8.35 -34.88
C ALA C 324 4.17 -7.42 -35.73
N THR C 325 5.40 -7.21 -35.27
CA THR C 325 6.37 -6.35 -35.94
C THR C 325 7.67 -7.12 -36.17
N PRO C 326 7.69 -8.02 -37.14
CA PRO C 326 8.90 -8.82 -37.37
C PRO C 326 10.04 -7.98 -37.92
N GLU C 327 11.25 -8.44 -37.64
CA GLU C 327 12.42 -7.81 -38.23
C GLU C 327 12.44 -8.06 -39.73
N PRO C 328 12.98 -7.12 -40.52
CA PRO C 328 12.94 -7.28 -41.98
C PRO C 328 13.63 -8.55 -42.45
N GLY C 329 12.94 -9.31 -43.30
CA GLY C 329 13.49 -10.51 -43.89
C GLY C 329 13.35 -11.76 -43.06
N GLU C 330 12.72 -11.69 -41.88
CA GLU C 330 12.62 -12.86 -41.03
C GLU C 330 11.53 -13.80 -41.54
N ASP C 331 11.80 -15.10 -41.49
CA ASP C 331 10.89 -16.10 -42.03
C ASP C 331 9.56 -16.06 -41.30
N PRO C 332 8.42 -16.05 -42.02
CA PRO C 332 7.12 -15.91 -41.34
C PRO C 332 6.81 -17.00 -40.32
N ARG C 333 7.33 -18.22 -40.53
CA ARG C 333 7.11 -19.26 -39.53
C ARG C 333 7.91 -19.01 -38.26
N VAL C 334 9.06 -18.35 -38.38
CA VAL C 334 9.82 -18.01 -37.18
C VAL C 334 9.08 -16.97 -36.34
N THR C 335 8.50 -15.95 -36.99
CA THR C 335 7.70 -14.99 -36.26
C THR C 335 6.42 -15.64 -35.74
N ARG C 336 5.88 -16.62 -36.47
CA ARG C 336 4.76 -17.39 -35.95
C ARG C 336 5.15 -18.06 -34.64
N ALA C 337 6.30 -18.72 -34.60
CA ALA C 337 6.76 -19.37 -33.38
C ALA C 337 6.99 -18.35 -32.27
N LYS C 338 7.65 -17.24 -32.58
CA LYS C 338 7.92 -16.20 -31.59
C LYS C 338 6.64 -15.72 -30.95
N TYR C 339 5.71 -15.23 -31.77
CA TYR C 339 4.50 -14.63 -31.23
C TYR C 339 3.55 -15.69 -30.70
N PHE C 340 3.69 -16.94 -31.13
CA PHE C 340 2.90 -18.02 -30.55
C PHE C 340 3.34 -18.30 -29.11
N ILE C 341 4.65 -18.38 -28.89
CA ILE C 341 5.16 -18.55 -27.54
C ILE C 341 4.79 -17.36 -26.67
N ARG C 342 4.96 -16.15 -27.22
CA ARG C 342 4.56 -14.96 -26.49
C ARG C 342 3.08 -14.98 -26.16
N ASP C 343 2.25 -15.52 -27.06
CA ASP C 343 0.82 -15.56 -26.80
C ASP C 343 0.46 -16.65 -25.80
N GLU C 344 1.24 -17.72 -25.73
CA GLU C 344 1.04 -18.69 -24.65
C GLU C 344 1.30 -18.05 -23.30
N PHE C 345 2.41 -17.32 -23.20
CA PHE C 345 2.70 -16.63 -21.94
C PHE C 345 1.68 -15.55 -21.64
N LEU C 346 1.18 -14.85 -22.66
CA LEU C 346 0.13 -13.84 -22.46
C LEU C 346 -1.22 -14.47 -22.16
N ARG C 347 -1.46 -15.69 -22.60
CA ARG C 347 -2.68 -16.40 -22.23
C ARG C 347 -2.63 -16.77 -20.75
N ILE C 348 -1.46 -17.15 -20.26
CA ILE C 348 -1.30 -17.34 -18.83
C ILE C 348 -1.45 -16.03 -18.08
N SER C 349 -0.86 -14.95 -18.62
CA SER C 349 -0.82 -13.67 -17.92
C SER C 349 -2.21 -13.04 -17.83
N THR C 350 -2.90 -12.91 -18.97
CA THR C 350 -4.15 -12.15 -19.01
C THR C 350 -5.25 -12.85 -18.23
N ALA C 351 -5.18 -14.17 -18.09
CA ALA C 351 -6.24 -14.90 -17.39
C ALA C 351 -6.36 -14.50 -15.93
N SER C 352 -5.30 -13.95 -15.32
CA SER C 352 -5.37 -13.66 -13.89
C SER C 352 -4.71 -12.34 -13.50
N GLY C 353 -4.47 -11.43 -14.44
CA GLY C 353 -3.80 -10.19 -14.09
C GLY C 353 -4.63 -9.28 -13.20
N ASP C 354 -5.88 -9.01 -13.60
CA ASP C 354 -6.82 -8.12 -12.90
C ASP C 354 -6.16 -6.81 -12.45
N GLY C 355 -5.25 -6.30 -13.27
CA GLY C 355 -4.69 -4.97 -13.08
C GLY C 355 -3.74 -4.76 -11.93
N ARG C 356 -3.46 -5.82 -11.16
CA ARG C 356 -2.53 -5.70 -10.04
C ARG C 356 -1.08 -5.77 -10.48
N HIS C 357 -0.80 -6.55 -11.51
CA HIS C 357 0.57 -6.80 -11.96
C HIS C 357 0.50 -7.13 -13.45
N TYR C 358 1.62 -6.92 -14.14
CA TYR C 358 1.63 -6.94 -15.59
C TYR C 358 2.80 -7.75 -16.12
N CYS C 359 2.60 -8.35 -17.29
CA CYS C 359 3.66 -8.99 -18.05
C CYS C 359 4.22 -8.00 -19.07
N TYR C 360 5.53 -8.03 -19.25
CA TYR C 360 6.21 -7.21 -20.25
C TYR C 360 7.04 -8.16 -21.11
N PRO C 361 6.41 -8.85 -22.05
CA PRO C 361 7.14 -9.84 -22.84
C PRO C 361 8.06 -9.16 -23.85
N HIS C 362 9.26 -9.73 -23.99
CA HIS C 362 10.25 -9.21 -24.92
C HIS C 362 11.02 -10.37 -25.52
N PHE C 363 11.44 -10.20 -26.76
CA PHE C 363 12.34 -11.11 -27.43
C PHE C 363 13.75 -10.54 -27.38
N THR C 364 14.73 -11.39 -27.12
CA THR C 364 16.11 -10.95 -27.06
C THR C 364 17.01 -12.03 -27.65
N CYS C 365 18.32 -11.77 -27.62
CA CYS C 365 19.31 -12.66 -28.19
C CYS C 365 20.67 -12.35 -27.57
N ALA C 366 21.69 -13.05 -28.04
CA ALA C 366 23.02 -12.93 -27.44
C ALA C 366 23.65 -11.55 -27.66
N VAL C 367 23.30 -10.88 -28.75
CA VAL C 367 23.90 -9.59 -29.09
C VAL C 367 22.97 -8.42 -28.76
N ASP C 368 21.91 -8.67 -28.00
CA ASP C 368 20.85 -7.68 -27.79
C ASP C 368 21.07 -6.99 -26.45
N THR C 369 21.93 -5.97 -26.44
CA THR C 369 22.26 -5.26 -25.20
C THR C 369 21.12 -4.37 -24.70
N GLU C 370 20.27 -3.86 -25.59
CA GLU C 370 19.23 -2.92 -25.19
C GLU C 370 18.25 -3.51 -24.18
N ASN C 371 18.39 -4.79 -23.83
CA ASN C 371 17.63 -5.34 -22.72
C ASN C 371 17.83 -4.53 -21.45
N ILE C 372 19.04 -4.01 -21.23
CA ILE C 372 19.27 -3.20 -20.03
C ILE C 372 18.34 -1.99 -20.03
N ARG C 373 17.99 -1.49 -21.21
CA ARG C 373 17.02 -0.41 -21.30
C ARG C 373 15.59 -0.92 -21.24
N ARG C 374 15.33 -2.09 -21.83
CA ARG C 374 13.98 -2.63 -21.82
C ARG C 374 13.45 -2.75 -20.40
N VAL C 375 14.18 -3.50 -19.55
CA VAL C 375 13.83 -3.58 -18.14
C VAL C 375 13.66 -2.19 -17.55
N PHE C 376 14.60 -1.28 -17.84
CA PHE C 376 14.48 0.08 -17.33
C PHE C 376 13.15 0.66 -17.74
N ASN C 377 12.86 0.66 -19.06
CA ASN C 377 11.58 1.16 -19.52
C ASN C 377 10.45 0.45 -18.81
N ASP C 378 10.50 -0.88 -18.77
CA ASP C 378 9.43 -1.63 -18.13
C ASP C 378 9.30 -1.26 -16.66
N CYS C 379 10.44 -1.15 -15.97
CA CYS C 379 10.39 -0.78 -14.57
C CYS C 379 9.69 0.57 -14.41
N ARG C 380 10.06 1.53 -15.24
CA ARG C 380 9.40 2.83 -15.22
C ARG C 380 7.90 2.63 -15.38
N ASP C 381 7.50 1.87 -16.40
CA ASP C 381 6.09 1.58 -16.61
C ASP C 381 5.47 0.99 -15.35
N ILE C 382 6.12 -0.03 -14.78
CA ILE C 382 5.60 -0.65 -13.57
C ILE C 382 5.36 0.40 -12.52
N ILE C 383 6.38 1.22 -12.24
CA ILE C 383 6.26 2.21 -11.18
C ILE C 383 5.10 3.12 -11.47
N GLN C 384 4.99 3.59 -12.70
CA GLN C 384 3.94 4.53 -13.03
C GLN C 384 2.58 3.90 -12.81
N ARG C 385 2.40 2.64 -13.24
CA ARG C 385 1.12 2.00 -13.02
C ARG C 385 0.82 1.89 -11.54
N MET C 386 1.83 1.54 -10.74
CA MET C 386 1.65 1.53 -9.30
C MET C 386 1.15 2.88 -8.81
N HIS C 387 1.82 3.95 -9.22
CA HIS C 387 1.38 5.28 -8.84
C HIS C 387 0.00 5.58 -9.39
N LEU C 388 -0.28 5.15 -10.61
CA LEU C 388 -1.59 5.40 -11.19
C LEU C 388 -2.67 4.62 -10.45
N ARG C 389 -2.30 3.52 -9.79
CA ARG C 389 -3.29 2.83 -8.96
C ARG C 389 -3.50 3.54 -7.64
N GLN C 390 -2.49 4.26 -7.16
CA GLN C 390 -2.63 4.96 -5.90
C GLN C 390 -3.60 6.13 -6.02
N TYR C 391 -3.69 6.73 -7.19
CA TYR C 391 -4.62 7.80 -7.47
C TYR C 391 -5.91 7.28 -8.10
N GLU C 392 -6.03 5.97 -8.28
CA GLU C 392 -7.17 5.35 -8.95
C GLU C 392 -7.41 5.96 -10.32
N LEU C 393 -6.32 6.24 -11.03
CA LEU C 393 -6.38 6.68 -12.41
C LEU C 393 -6.30 5.54 -13.41
N LEU C 394 -5.71 4.42 -13.02
CA LEU C 394 -5.54 3.30 -13.91
C LEU C 394 -5.92 2.00 -13.20
N GLU D 8 16.77 -56.08 -5.51
CA GLU D 8 17.75 -55.00 -5.30
C GLU D 8 17.14 -53.94 -4.39
N LEU D 9 16.42 -53.00 -5.02
CA LEU D 9 15.82 -51.90 -4.28
C LEU D 9 14.57 -52.36 -3.51
N ASP D 10 13.84 -53.34 -4.04
CA ASP D 10 12.54 -53.67 -3.49
C ASP D 10 12.63 -54.29 -2.10
N GLN D 11 13.69 -55.07 -1.83
CA GLN D 11 13.85 -55.64 -0.49
C GLN D 11 13.97 -54.55 0.56
N LEU D 12 14.78 -53.53 0.27
CA LEU D 12 14.97 -52.44 1.22
C LEU D 12 13.76 -51.53 1.29
N ARG D 13 13.07 -51.29 0.18
CA ARG D 13 11.84 -50.51 0.23
C ARG D 13 10.77 -51.22 1.06
N GLN D 14 10.65 -52.55 0.91
CA GLN D 14 9.66 -53.29 1.67
C GLN D 14 10.06 -53.40 3.14
N GLU D 15 11.36 -53.51 3.42
CA GLU D 15 11.81 -53.45 4.81
C GLU D 15 11.48 -52.09 5.43
N ALA D 16 11.63 -51.02 4.65
CA ALA D 16 11.28 -49.69 5.11
C ALA D 16 9.79 -49.56 5.37
N GLU D 17 8.96 -50.13 4.50
CA GLU D 17 7.52 -50.02 4.72
C GLU D 17 7.08 -50.90 5.88
N GLN D 18 7.77 -52.02 6.11
CA GLN D 18 7.52 -52.81 7.32
C GLN D 18 7.87 -52.03 8.57
N LEU D 19 8.97 -51.28 8.53
CA LEU D 19 9.32 -50.44 9.68
C LEU D 19 8.31 -49.31 9.85
N LYS D 20 7.80 -48.76 8.74
CA LYS D 20 6.76 -47.75 8.80
C LYS D 20 5.47 -48.29 9.40
N ASN D 21 5.10 -49.52 9.06
CA ASN D 21 3.91 -50.11 9.66
C ASN D 21 4.14 -50.43 11.14
N GLN D 22 5.35 -50.83 11.50
CA GLN D 22 5.67 -50.99 12.91
C GLN D 22 5.50 -49.67 13.66
N ILE D 23 5.96 -48.57 13.05
CA ILE D 23 5.75 -47.24 13.63
C ILE D 23 4.26 -46.94 13.72
N ARG D 24 3.50 -47.29 12.68
CA ARG D 24 2.08 -47.02 12.63
C ARG D 24 1.35 -47.72 13.78
N ASP D 25 1.68 -48.99 14.01
CA ASP D 25 1.00 -49.76 15.05
C ASP D 25 1.49 -49.36 16.44
N ALA D 26 2.79 -49.09 16.58
CA ALA D 26 3.31 -48.59 17.86
C ALA D 26 2.71 -47.23 18.19
N ARG D 27 2.31 -46.47 17.16
CA ARG D 27 1.61 -45.22 17.37
C ARG D 27 0.17 -45.45 17.77
N LYS D 28 -0.52 -46.36 17.04
CA LYS D 28 -1.94 -46.58 17.28
C LYS D 28 -2.20 -47.19 18.64
N ALA D 29 -1.29 -48.05 19.11
CA ALA D 29 -1.47 -48.70 20.41
C ALA D 29 -1.45 -47.69 21.55
N CYS D 30 -0.84 -46.53 21.35
CA CYS D 30 -0.76 -45.51 22.38
C CYS D 30 -1.95 -44.54 22.34
N ALA D 31 -2.81 -44.63 21.33
CA ALA D 31 -3.89 -43.65 21.14
C ALA D 31 -5.16 -44.11 21.86
N ASP D 32 -5.13 -44.00 23.18
CA ASP D 32 -6.31 -44.28 23.99
C ASP D 32 -7.22 -43.07 24.09
N ALA D 33 -6.71 -41.96 24.60
CA ALA D 33 -7.51 -40.75 24.78
C ALA D 33 -6.56 -39.57 24.85
N THR D 34 -6.57 -38.72 23.83
CA THR D 34 -5.63 -37.62 23.72
C THR D 34 -6.18 -36.37 24.41
N LEU D 35 -5.58 -35.21 24.11
CA LEU D 35 -5.96 -33.96 24.73
C LEU D 35 -7.44 -33.65 24.58
N SER D 36 -8.03 -33.97 23.43
CA SER D 36 -9.38 -33.50 23.12
C SER D 36 -10.44 -34.07 24.05
N GLN D 37 -10.16 -35.20 24.72
CA GLN D 37 -11.07 -35.75 25.71
C GLN D 37 -10.57 -35.60 27.14
N ILE D 38 -9.26 -35.53 27.34
CA ILE D 38 -8.71 -35.31 28.68
C ILE D 38 -9.01 -33.90 29.16
N THR D 39 -8.97 -32.93 28.26
CA THR D 39 -9.05 -31.52 28.63
C THR D 39 -10.46 -30.96 28.61
N ASN D 40 -11.49 -31.80 28.56
CA ASN D 40 -12.84 -31.29 28.78
C ASN D 40 -13.04 -30.87 30.23
N ASN D 41 -12.23 -31.41 31.14
CA ASN D 41 -12.39 -31.16 32.57
C ASN D 41 -11.74 -29.86 33.02
N ILE D 42 -11.14 -29.09 32.11
CA ILE D 42 -10.59 -27.79 32.42
C ILE D 42 -11.46 -26.71 31.79
N ASP D 43 -11.72 -25.65 32.53
CA ASP D 43 -12.47 -24.52 31.99
C ASP D 43 -11.64 -23.83 30.91
N PRO D 44 -12.28 -23.22 29.92
CA PRO D 44 -11.53 -22.60 28.81
C PRO D 44 -10.76 -21.37 29.24
N VAL D 45 -9.89 -20.92 28.34
CA VAL D 45 -9.16 -19.68 28.54
C VAL D 45 -10.07 -18.47 28.47
N GLY D 46 -11.16 -18.55 27.71
CA GLY D 46 -11.98 -17.38 27.48
C GLY D 46 -11.40 -16.55 26.36
N ARG D 47 -11.87 -15.31 26.27
CA ARG D 47 -11.41 -14.42 25.22
C ARG D 47 -10.11 -13.75 25.64
N ILE D 48 -9.11 -13.84 24.78
CA ILE D 48 -7.81 -13.20 25.00
C ILE D 48 -7.82 -11.88 24.26
N GLN D 49 -7.81 -10.80 25.03
CA GLN D 49 -7.81 -9.45 24.46
C GLN D 49 -6.43 -8.87 24.71
N MET D 50 -5.55 -9.00 23.72
CA MET D 50 -4.25 -8.34 23.77
C MET D 50 -4.31 -7.04 23.00
N ARG D 51 -3.56 -6.06 23.46
CA ARG D 51 -3.52 -4.76 22.85
C ARG D 51 -2.09 -4.43 22.45
N THR D 52 -1.95 -3.57 21.45
CA THR D 52 -0.65 -3.13 20.95
C THR D 52 -0.12 -2.06 21.87
N ARG D 53 0.74 -2.46 22.80
CA ARG D 53 1.40 -1.52 23.68
C ARG D 53 2.44 -0.69 22.94
N ARG D 54 3.25 -1.33 22.11
CA ARG D 54 4.28 -0.64 21.35
C ARG D 54 4.19 -1.08 19.90
N THR D 55 4.47 -0.14 19.01
CA THR D 55 4.68 -0.43 17.59
C THR D 55 6.08 0.03 17.24
N LEU D 56 6.91 -0.89 16.76
CA LEU D 56 8.31 -0.62 16.47
C LEU D 56 8.42 -0.33 14.97
N ARG D 57 8.61 0.95 14.64
CA ARG D 57 8.71 1.41 13.27
C ARG D 57 10.15 1.80 12.98
N GLY D 58 10.58 1.58 11.75
CA GLY D 58 11.96 1.87 11.39
C GLY D 58 12.52 0.94 10.35
N HIS D 59 11.91 -0.22 10.18
CA HIS D 59 12.24 -1.08 9.06
C HIS D 59 11.58 -0.56 7.78
N LEU D 60 12.27 -0.71 6.67
CA LEU D 60 11.79 -0.20 5.39
C LEU D 60 11.08 -1.24 4.55
N ALA D 61 11.34 -2.52 4.79
CA ALA D 61 10.72 -3.57 3.98
C ALA D 61 9.99 -4.56 4.86
N LYS D 62 9.50 -5.63 4.26
CA LYS D 62 8.87 -6.70 5.02
C LYS D 62 9.84 -7.26 6.04
N ILE D 63 9.37 -7.43 7.25
CA ILE D 63 10.15 -8.04 8.31
C ILE D 63 10.00 -9.55 8.18
N TYR D 64 11.14 -10.23 8.05
CA TYR D 64 11.11 -11.67 7.93
C TYR D 64 11.29 -12.39 9.24
N ALA D 65 12.17 -11.89 10.09
CA ALA D 65 12.48 -12.61 11.31
C ALA D 65 12.56 -11.63 12.46
N MET D 66 12.48 -12.18 13.65
CA MET D 66 12.42 -11.42 14.87
C MET D 66 12.79 -12.36 15.99
N HIS D 67 13.57 -11.86 16.94
CA HIS D 67 13.93 -12.69 18.08
C HIS D 67 14.06 -11.82 19.31
N TRP D 68 13.46 -12.28 20.39
CA TRP D 68 13.61 -11.63 21.68
C TRP D 68 14.97 -11.95 22.26
N GLY D 69 15.49 -11.03 23.07
CA GLY D 69 16.58 -11.35 23.96
C GLY D 69 16.09 -12.17 25.12
N THR D 70 17.04 -12.66 25.91
CA THR D 70 16.64 -13.35 27.12
C THR D 70 16.29 -12.40 28.26
N ASP D 71 16.57 -11.11 28.11
CA ASP D 71 16.13 -10.12 29.08
C ASP D 71 14.69 -9.70 28.87
N SER D 72 14.04 -10.23 27.83
CA SER D 72 12.66 -9.90 27.49
C SER D 72 12.46 -8.41 27.28
N ARG D 73 13.51 -7.71 26.88
CA ARG D 73 13.43 -6.28 26.68
C ARG D 73 13.98 -5.88 25.32
N LEU D 74 15.07 -6.52 24.92
CA LEU D 74 15.73 -6.22 23.66
C LEU D 74 15.26 -7.20 22.59
N LEU D 75 14.96 -6.66 21.42
CA LEU D 75 14.52 -7.45 20.29
C LEU D 75 15.50 -7.26 19.15
N VAL D 76 15.75 -8.31 18.39
CA VAL D 76 16.39 -8.19 17.09
C VAL D 76 15.33 -8.44 16.04
N SER D 77 15.34 -7.62 15.00
CA SER D 77 14.38 -7.75 13.92
C SER D 77 15.12 -7.63 12.60
N ALA D 78 14.84 -8.55 11.69
CA ALA D 78 15.45 -8.57 10.37
C ALA D 78 14.42 -8.16 9.33
N SER D 79 14.76 -7.20 8.49
CA SER D 79 13.91 -6.88 7.36
C SER D 79 14.72 -7.03 6.08
N GLN D 80 14.00 -7.12 4.96
CA GLN D 80 14.63 -7.29 3.65
C GLN D 80 15.29 -6.02 3.15
N ASP D 81 15.50 -5.04 4.03
CA ASP D 81 16.40 -3.93 3.75
C ASP D 81 17.85 -4.36 3.77
N GLY D 82 18.14 -5.52 4.33
CA GLY D 82 19.47 -5.78 4.80
C GLY D 82 19.74 -5.11 6.12
N LYS D 83 18.79 -5.15 7.04
CA LYS D 83 18.95 -4.52 8.33
C LYS D 83 18.47 -5.41 9.45
N LEU D 84 19.31 -5.50 10.48
CA LEU D 84 18.93 -6.01 11.78
C LEU D 84 18.84 -4.82 12.73
N ILE D 85 17.65 -4.56 13.25
CA ILE D 85 17.47 -3.51 14.23
C ILE D 85 17.35 -4.17 15.59
N ILE D 86 18.21 -3.76 16.50
CA ILE D 86 18.09 -4.08 17.92
C ILE D 86 17.27 -2.96 18.54
N TRP D 87 16.07 -3.31 18.98
CA TRP D 87 15.12 -2.42 19.61
C TRP D 87 15.14 -2.63 21.11
N ASP D 88 14.95 -1.54 21.84
CA ASP D 88 14.52 -1.61 23.23
C ASP D 88 13.01 -1.59 23.22
N SER D 89 12.39 -2.74 23.50
CA SER D 89 10.94 -2.84 23.37
C SER D 89 10.19 -2.03 24.42
N TYR D 90 10.84 -1.71 25.56
CA TYR D 90 10.18 -0.93 26.59
C TYR D 90 9.98 0.52 26.16
N THR D 91 11.01 1.12 25.56
CA THR D 91 10.97 2.52 25.18
C THR D 91 10.79 2.75 23.69
N THR D 92 10.74 1.69 22.89
CA THR D 92 10.68 1.68 21.43
C THR D 92 11.96 2.24 20.81
N ASN D 93 13.00 2.50 21.59
CA ASN D 93 14.24 2.99 21.04
C ASN D 93 14.96 1.89 20.28
N LYS D 94 15.57 2.27 19.17
CA LYS D 94 16.48 1.39 18.48
C LYS D 94 17.84 1.45 19.16
N VAL D 95 18.30 0.29 19.61
CA VAL D 95 19.59 0.17 20.28
C VAL D 95 20.71 0.06 19.26
N HIS D 96 20.47 -0.71 18.20
CA HIS D 96 21.44 -0.84 17.12
C HIS D 96 20.70 -0.92 15.79
N ALA D 97 21.37 -0.49 14.74
CA ALA D 97 20.91 -0.76 13.37
C ALA D 97 22.09 -1.28 12.60
N ILE D 98 22.06 -2.56 12.27
CA ILE D 98 23.15 -3.28 11.64
C ILE D 98 22.80 -3.47 10.16
N PRO D 99 23.50 -2.81 9.25
CA PRO D 99 23.32 -3.11 7.84
C PRO D 99 23.98 -4.44 7.49
N LEU D 100 23.33 -5.19 6.62
CA LEU D 100 23.79 -6.52 6.27
C LEU D 100 24.38 -6.53 4.87
N ARG D 101 25.31 -7.45 4.65
CA ARG D 101 25.95 -7.61 3.35
C ARG D 101 25.02 -8.23 2.32
N SER D 102 23.89 -8.79 2.76
CA SER D 102 22.88 -9.31 1.86
C SER D 102 21.53 -8.85 2.39
N SER D 103 20.69 -8.35 1.48
CA SER D 103 19.41 -7.80 1.88
C SER D 103 18.33 -8.85 2.05
N TRP D 104 18.52 -10.06 1.52
CA TRP D 104 17.49 -11.09 1.58
C TRP D 104 17.72 -11.96 2.81
N VAL D 105 17.46 -11.37 3.97
CA VAL D 105 17.62 -12.03 5.25
C VAL D 105 16.29 -12.65 5.64
N MET D 106 16.29 -13.97 5.85
CA MET D 106 15.11 -14.70 6.22
C MET D 106 15.05 -15.06 7.69
N THR D 107 16.18 -14.99 8.39
CA THR D 107 16.21 -15.37 9.79
C THR D 107 17.13 -14.42 10.54
N CYS D 108 16.93 -14.36 11.85
CA CYS D 108 17.81 -13.63 12.73
C CYS D 108 17.69 -14.26 14.11
N ALA D 109 18.78 -14.20 14.85
CA ALA D 109 18.80 -14.76 16.18
C ALA D 109 19.53 -13.80 17.10
N TYR D 110 19.04 -13.72 18.33
CA TYR D 110 19.71 -12.95 19.37
C TYR D 110 20.34 -13.96 20.31
N ALA D 111 21.63 -13.82 20.58
CA ALA D 111 22.30 -14.77 21.44
C ALA D 111 21.75 -14.68 22.86
N PRO D 112 21.52 -15.82 23.52
CA PRO D 112 20.98 -15.78 24.88
C PRO D 112 21.87 -15.05 25.87
N SER D 113 23.17 -14.90 25.57
CA SER D 113 24.04 -14.04 26.35
C SER D 113 23.87 -12.57 26.01
N GLY D 114 23.30 -12.26 24.85
CA GLY D 114 23.08 -10.89 24.44
C GLY D 114 24.22 -10.24 23.71
N ASN D 115 25.32 -10.94 23.48
CA ASN D 115 26.51 -10.33 22.89
C ASN D 115 26.53 -10.44 21.37
N TYR D 116 25.84 -11.41 20.80
CA TYR D 116 25.89 -11.65 19.37
C TYR D 116 24.48 -11.67 18.80
N VAL D 117 24.40 -11.35 17.52
CA VAL D 117 23.18 -11.47 16.74
C VAL D 117 23.51 -12.19 15.44
N ALA D 118 22.77 -13.24 15.14
CA ALA D 118 22.94 -13.93 13.87
C ALA D 118 21.92 -13.44 12.86
N CYS D 119 22.27 -13.60 11.59
CA CYS D 119 21.32 -13.36 10.52
C CYS D 119 21.72 -14.21 9.34
N GLY D 120 20.82 -14.34 8.39
CA GLY D 120 21.12 -15.09 7.19
C GLY D 120 19.86 -15.25 6.39
N GLY D 121 20.04 -15.73 5.16
CA GLY D 121 18.91 -15.86 4.27
C GLY D 121 19.32 -16.43 2.94
N LEU D 122 18.95 -15.75 1.86
CA LEU D 122 19.25 -16.24 0.53
C LEU D 122 20.74 -16.24 0.21
N ASP D 123 21.57 -15.62 1.04
CA ASP D 123 23.00 -15.63 0.80
C ASP D 123 23.67 -16.91 1.24
N ASN D 124 22.93 -17.84 1.84
CA ASN D 124 23.43 -19.14 2.29
C ASN D 124 24.54 -19.00 3.33
N ILE D 125 24.56 -17.89 4.05
CA ILE D 125 25.60 -17.58 5.02
C ILE D 125 24.93 -17.15 6.32
N CYS D 126 25.42 -17.66 7.44
CA CYS D 126 25.00 -17.17 8.75
C CYS D 126 26.02 -16.16 9.26
N SER D 127 25.68 -14.89 9.21
CA SER D 127 26.55 -13.84 9.69
C SER D 127 26.32 -13.62 11.17
N ILE D 128 27.38 -13.73 11.96
CA ILE D 128 27.36 -13.51 13.40
C ILE D 128 27.96 -12.15 13.65
N TYR D 129 27.18 -11.25 14.24
CA TYR D 129 27.60 -9.90 14.58
C TYR D 129 27.85 -9.80 16.06
N ASN D 130 28.94 -9.13 16.42
CA ASN D 130 29.31 -8.89 17.81
C ASN D 130 28.65 -7.58 18.24
N LEU D 131 27.79 -7.66 19.24
CA LEU D 131 27.13 -6.47 19.77
C LEU D 131 27.94 -5.78 20.86
N LYS D 132 29.01 -6.41 21.34
CA LYS D 132 29.82 -5.86 22.44
C LYS D 132 31.26 -5.85 21.96
N THR D 133 31.65 -4.77 21.29
CA THR D 133 33.02 -4.58 20.83
C THR D 133 33.63 -3.38 21.56
N ARG D 134 34.96 -3.36 21.60
CA ARG D 134 35.65 -2.27 22.27
C ARG D 134 35.53 -0.97 21.49
N GLU D 135 35.29 -1.06 20.19
CA GLU D 135 35.12 0.14 19.37
C GLU D 135 33.77 0.81 19.56
N GLY D 136 32.82 0.14 20.20
CA GLY D 136 31.44 0.61 20.22
C GLY D 136 30.68 0.35 18.95
N ASN D 137 31.31 -0.29 17.96
CA ASN D 137 30.70 -0.56 16.68
C ASN D 137 30.26 -2.02 16.61
N VAL D 138 29.10 -2.26 16.00
CA VAL D 138 28.68 -3.63 15.71
C VAL D 138 29.29 -4.05 14.37
N ARG D 139 30.15 -5.05 14.40
CA ARG D 139 30.81 -5.54 13.21
C ARG D 139 30.63 -7.04 13.10
N VAL D 140 30.79 -7.55 11.88
CA VAL D 140 30.60 -8.98 11.64
C VAL D 140 31.70 -9.75 12.36
N SER D 141 31.30 -10.58 13.31
CA SER D 141 32.27 -11.41 14.02
C SER D 141 32.66 -12.63 13.21
N ARG D 142 31.68 -13.28 12.58
CA ARG D 142 31.96 -14.46 11.78
C ARG D 142 30.97 -14.53 10.63
N GLU D 143 31.32 -15.32 9.62
CA GLU D 143 30.42 -15.69 8.55
C GLU D 143 30.48 -17.19 8.36
N LEU D 144 29.36 -17.86 8.58
CA LEU D 144 29.29 -19.31 8.55
C LEU D 144 28.77 -19.71 7.18
N ALA D 145 29.67 -20.23 6.35
CA ALA D 145 29.35 -20.68 5.01
C ALA D 145 29.53 -22.19 4.94
N GLY D 146 28.77 -22.82 4.06
CA GLY D 146 28.75 -24.27 3.99
C GLY D 146 27.38 -24.82 3.67
N HIS D 147 26.35 -24.04 3.97
CA HIS D 147 25.02 -24.37 3.50
C HIS D 147 24.91 -24.09 2.01
N THR D 148 24.27 -25.02 1.29
CA THR D 148 24.09 -24.90 -0.15
C THR D 148 22.66 -24.48 -0.50
N GLY D 149 21.95 -23.90 0.46
CA GLY D 149 20.63 -23.36 0.25
C GLY D 149 20.42 -22.23 1.22
N TYR D 150 19.34 -21.49 1.00
CA TYR D 150 19.06 -20.31 1.80
C TYR D 150 18.91 -20.66 3.27
N LEU D 151 19.31 -19.72 4.12
CA LEU D 151 19.21 -19.89 5.56
C LEU D 151 17.79 -19.58 5.99
N SER D 152 17.10 -20.56 6.57
CA SER D 152 15.72 -20.37 6.99
C SER D 152 15.61 -19.97 8.45
N CYS D 153 16.44 -20.56 9.30
CA CYS D 153 16.37 -20.32 10.72
C CYS D 153 17.75 -20.57 11.30
N CYS D 154 18.21 -19.66 12.12
CA CYS D 154 19.41 -19.83 12.91
C CYS D 154 19.04 -19.59 14.37
N ARG D 155 19.50 -20.48 15.23
CA ARG D 155 19.28 -20.33 16.65
C ARG D 155 20.60 -20.53 17.37
N PHE D 156 20.93 -19.60 18.26
CA PHE D 156 22.14 -19.70 19.05
C PHE D 156 21.95 -20.78 20.10
N LEU D 157 22.85 -21.76 20.09
CA LEU D 157 22.88 -22.75 21.16
C LEU D 157 23.63 -22.19 22.36
N ASP D 158 24.66 -21.40 22.09
CA ASP D 158 25.34 -20.55 23.06
C ASP D 158 26.13 -19.52 22.28
N ASP D 159 27.08 -18.86 22.94
CA ASP D 159 27.90 -17.89 22.25
C ASP D 159 28.83 -18.52 21.22
N ASN D 160 29.10 -19.82 21.34
CA ASN D 160 30.07 -20.49 20.48
C ASN D 160 29.45 -21.54 19.58
N GLN D 161 28.17 -21.84 19.73
CA GLN D 161 27.51 -22.83 18.90
C GLN D 161 26.20 -22.27 18.40
N ILE D 162 25.95 -22.39 17.11
CA ILE D 162 24.69 -21.97 16.53
C ILE D 162 24.14 -23.10 15.67
N VAL D 163 22.84 -23.32 15.74
CA VAL D 163 22.16 -24.26 14.87
C VAL D 163 21.42 -23.48 13.81
N THR D 164 21.70 -23.79 12.55
CA THR D 164 21.03 -23.16 11.43
C THR D 164 20.28 -24.21 10.63
N SER D 165 19.18 -23.80 10.03
CA SER D 165 18.46 -24.65 9.10
C SER D 165 18.53 -23.99 7.74
N SER D 166 18.51 -24.80 6.70
CA SER D 166 18.73 -24.26 5.37
C SER D 166 17.70 -24.83 4.41
N GLY D 167 17.56 -24.15 3.28
CA GLY D 167 16.81 -24.62 2.15
C GLY D 167 17.49 -25.70 1.35
N ASP D 168 18.71 -26.09 1.72
CA ASP D 168 19.36 -27.24 1.13
C ASP D 168 18.95 -28.55 1.78
N THR D 169 17.87 -28.54 2.56
CA THR D 169 17.19 -29.65 3.22
C THR D 169 17.92 -30.12 4.48
N THR D 170 18.97 -29.44 4.93
CA THR D 170 19.74 -29.88 6.07
C THR D 170 19.74 -28.82 7.16
N CYS D 171 20.07 -29.25 8.37
CA CYS D 171 20.42 -28.36 9.46
C CYS D 171 21.89 -28.55 9.76
N ALA D 172 22.46 -27.61 10.51
CA ALA D 172 23.89 -27.64 10.77
C ALA D 172 24.18 -26.96 12.10
N LEU D 173 25.03 -27.60 12.88
CA LEU D 173 25.56 -27.03 14.10
C LEU D 173 26.96 -26.51 13.82
N TRP D 174 27.16 -25.21 14.04
CA TRP D 174 28.38 -24.50 13.74
C TRP D 174 29.07 -24.09 15.02
N ASP D 175 30.37 -24.31 15.06
CA ASP D 175 31.26 -23.70 16.05
C ASP D 175 31.64 -22.33 15.54
N ILE D 176 31.17 -21.29 16.21
CA ILE D 176 31.30 -19.94 15.67
C ILE D 176 32.75 -19.47 15.66
N GLU D 177 33.48 -19.77 16.74
CA GLU D 177 34.85 -19.28 16.84
C GLU D 177 35.73 -19.82 15.72
N THR D 178 35.48 -21.05 15.30
CA THR D 178 36.21 -21.63 14.17
C THR D 178 35.53 -21.35 12.84
N GLY D 179 34.22 -21.09 12.85
CA GLY D 179 33.46 -20.93 11.64
C GLY D 179 33.14 -22.21 10.91
N GLN D 180 33.57 -23.35 11.43
CA GLN D 180 33.37 -24.62 10.75
C GLN D 180 32.09 -25.29 11.21
N GLN D 181 31.36 -25.84 10.25
CA GLN D 181 30.17 -26.61 10.55
C GLN D 181 30.55 -27.89 11.28
N THR D 182 30.10 -28.01 12.53
CA THR D 182 30.50 -29.11 13.38
C THR D 182 29.65 -30.35 13.23
N THR D 183 28.35 -30.18 12.98
CA THR D 183 27.46 -31.31 12.81
C THR D 183 26.49 -31.00 11.69
N THR D 184 26.11 -32.02 10.93
CA THR D 184 25.11 -31.88 9.88
C THR D 184 23.95 -32.81 10.18
N PHE D 185 22.73 -32.27 10.09
CA PHE D 185 21.51 -32.98 10.38
C PHE D 185 20.77 -33.14 9.06
N THR D 186 20.92 -34.30 8.44
CA THR D 186 20.28 -34.62 7.17
C THR D 186 19.17 -35.62 7.38
N GLY D 187 18.17 -35.54 6.52
CA GLY D 187 17.01 -36.41 6.59
C GLY D 187 15.71 -35.78 6.16
N HIS D 188 15.66 -34.48 5.95
CA HIS D 188 14.51 -33.86 5.33
C HIS D 188 14.64 -33.94 3.81
N THR D 189 13.50 -34.04 3.13
CA THR D 189 13.51 -34.06 1.68
C THR D 189 13.26 -32.66 1.12
N GLY D 190 12.42 -31.87 1.78
CA GLY D 190 12.16 -30.51 1.39
C GLY D 190 12.98 -29.51 2.20
N ASP D 191 12.78 -28.23 1.87
CA ASP D 191 13.50 -27.17 2.55
C ASP D 191 13.11 -27.14 4.02
N VAL D 192 14.11 -27.03 4.89
CA VAL D 192 13.88 -26.88 6.32
C VAL D 192 13.56 -25.42 6.58
N MET D 193 12.36 -25.16 7.10
CA MET D 193 11.87 -23.79 7.20
C MET D 193 12.07 -23.18 8.58
N SER D 194 12.13 -23.99 9.62
CA SER D 194 12.12 -23.45 10.97
C SER D 194 12.87 -24.36 11.91
N LEU D 195 13.51 -23.76 12.90
CA LEU D 195 14.12 -24.47 14.02
C LEU D 195 13.46 -24.07 15.32
N SER D 196 13.50 -24.97 16.29
CA SER D 196 13.16 -24.64 17.65
C SER D 196 14.07 -25.45 18.57
N LEU D 197 14.87 -24.75 19.37
CA LEU D 197 15.72 -25.40 20.35
C LEU D 197 14.91 -25.69 21.60
N ALA D 198 15.06 -26.91 22.12
CA ALA D 198 14.42 -27.26 23.38
C ALA D 198 15.05 -26.47 24.53
N PRO D 199 14.31 -26.25 25.62
CA PRO D 199 14.87 -25.50 26.74
C PRO D 199 16.18 -26.06 27.29
N ASP D 200 16.38 -27.37 27.23
CA ASP D 200 17.62 -27.97 27.70
C ASP D 200 18.73 -27.91 26.66
N THR D 201 18.41 -27.52 25.42
CA THR D 201 19.30 -27.34 24.28
C THR D 201 19.90 -28.65 23.78
N ARG D 202 19.57 -29.80 24.39
CA ARG D 202 20.11 -31.06 23.91
C ARG D 202 19.42 -31.52 22.63
N LEU D 203 18.17 -31.14 22.44
CA LEU D 203 17.40 -31.47 21.25
C LEU D 203 17.01 -30.19 20.53
N PHE D 204 16.70 -30.33 19.25
CA PHE D 204 15.93 -29.31 18.56
C PHE D 204 14.98 -30.00 17.60
N VAL D 205 14.08 -29.23 17.02
CA VAL D 205 13.07 -29.76 16.12
C VAL D 205 13.01 -28.88 14.89
N SER D 206 12.96 -29.52 13.72
CA SER D 206 13.00 -28.83 12.45
C SER D 206 11.83 -29.27 11.58
N GLY D 207 11.02 -28.32 11.13
CA GLY D 207 9.95 -28.60 10.21
C GLY D 207 10.38 -28.27 8.80
N ALA D 208 10.00 -29.12 7.84
CA ALA D 208 10.46 -28.92 6.48
C ALA D 208 9.28 -28.89 5.51
N CYS D 209 9.61 -28.60 4.25
CA CYS D 209 8.66 -28.58 3.15
C CYS D 209 8.18 -29.97 2.74
N ASP D 210 8.65 -31.03 3.39
CA ASP D 210 8.15 -32.37 3.15
C ASP D 210 6.89 -32.66 3.95
N ALA D 211 6.29 -31.64 4.56
CA ALA D 211 5.15 -31.78 5.47
C ALA D 211 5.48 -32.64 6.68
N SER D 212 6.72 -32.58 7.15
CA SER D 212 7.10 -33.35 8.32
C SER D 212 8.08 -32.55 9.18
N ALA D 213 8.08 -32.88 10.47
CA ALA D 213 9.03 -32.32 11.42
C ALA D 213 9.94 -33.45 11.88
N LYS D 214 11.14 -33.08 12.30
CA LYS D 214 12.11 -34.06 12.79
C LYS D 214 12.77 -33.54 14.05
N LEU D 215 12.79 -34.39 15.07
CA LEU D 215 13.46 -34.13 16.33
C LEU D 215 14.88 -34.68 16.23
N TRP D 216 15.84 -33.78 16.44
CA TRP D 216 17.28 -34.03 16.32
C TRP D 216 17.94 -33.93 17.69
N ASP D 217 18.91 -34.80 17.94
CA ASP D 217 19.80 -34.67 19.08
C ASP D 217 21.02 -33.88 18.62
N VAL D 218 21.27 -32.74 19.26
CA VAL D 218 22.31 -31.84 18.78
C VAL D 218 23.69 -32.49 18.87
N ARG D 219 23.98 -33.15 19.99
CA ARG D 219 25.31 -33.69 20.23
C ARG D 219 25.56 -35.01 19.51
N GLU D 220 24.53 -35.63 18.94
CA GLU D 220 24.67 -36.87 18.21
C GLU D 220 24.51 -36.70 16.71
N GLY D 221 23.85 -35.63 16.27
CA GLY D 221 23.61 -35.44 14.86
C GLY D 221 22.63 -36.43 14.28
N MET D 222 21.83 -37.05 15.13
CA MET D 222 20.93 -38.12 14.74
C MET D 222 19.51 -37.62 14.78
N CYS D 223 18.72 -37.99 13.78
CA CYS D 223 17.29 -37.76 13.82
C CYS D 223 16.69 -38.71 14.84
N ARG D 224 16.22 -38.16 15.96
CA ARG D 224 15.59 -38.98 16.97
C ARG D 224 14.20 -39.40 16.54
N GLN D 225 13.39 -38.46 16.04
CA GLN D 225 12.01 -38.79 15.71
C GLN D 225 11.58 -38.03 14.46
N THR D 226 10.57 -38.57 13.77
CA THR D 226 9.94 -37.89 12.66
C THR D 226 8.43 -37.85 12.87
N PHE D 227 7.84 -36.68 12.71
CA PHE D 227 6.44 -36.44 12.98
C PHE D 227 5.77 -36.02 11.69
N THR D 228 4.77 -36.76 11.28
CA THR D 228 3.95 -36.42 10.13
C THR D 228 2.53 -36.15 10.61
N GLY D 229 1.68 -35.73 9.69
CA GLY D 229 0.32 -35.40 10.04
C GLY D 229 -0.11 -34.13 9.34
N HIS D 230 0.86 -33.29 9.01
CA HIS D 230 0.57 -32.10 8.22
C HIS D 230 0.47 -32.46 6.75
N GLU D 231 -0.34 -31.69 6.03
CA GLU D 231 -0.58 -31.97 4.62
C GLU D 231 0.32 -31.16 3.71
N SER D 232 0.84 -30.03 4.17
CA SER D 232 1.62 -29.16 3.31
C SER D 232 2.86 -28.72 4.07
N ASP D 233 3.57 -27.75 3.49
CA ASP D 233 4.85 -27.29 4.00
C ASP D 233 4.71 -26.79 5.44
N ILE D 234 5.66 -27.18 6.28
CA ILE D 234 5.71 -26.71 7.66
C ILE D 234 6.57 -25.45 7.71
N ASN D 235 5.93 -24.31 7.96
CA ASN D 235 6.59 -23.02 7.93
C ASN D 235 7.11 -22.57 9.28
N ALA D 236 6.56 -23.10 10.36
CA ALA D 236 6.86 -22.60 11.69
C ALA D 236 6.85 -23.76 12.66
N ILE D 237 7.75 -23.71 13.63
CA ILE D 237 7.83 -24.73 14.67
C ILE D 237 8.28 -24.04 15.95
N CYS D 238 7.76 -24.51 17.07
CA CYS D 238 8.19 -24.02 18.36
C CYS D 238 7.95 -25.10 19.39
N PHE D 239 8.71 -25.03 20.47
CA PHE D 239 8.64 -25.99 21.56
C PHE D 239 7.64 -25.56 22.64
N PHE D 240 6.85 -26.51 23.08
CA PHE D 240 6.10 -26.34 24.32
C PHE D 240 7.08 -26.07 25.44
N PRO D 241 6.77 -25.14 26.35
CA PRO D 241 7.79 -24.64 27.29
C PRO D 241 8.52 -25.70 28.09
N ASN D 242 7.93 -26.89 28.27
CA ASN D 242 8.61 -27.95 29.01
C ASN D 242 9.58 -28.75 28.16
N GLY D 243 9.56 -28.55 26.84
CA GLY D 243 10.43 -29.30 25.96
C GLY D 243 9.93 -30.69 25.62
N ASN D 244 8.78 -31.10 26.13
CA ASN D 244 8.24 -32.42 25.85
C ASN D 244 7.17 -32.40 24.77
N ALA D 245 7.03 -31.30 24.04
CA ALA D 245 6.09 -31.23 22.94
C ALA D 245 6.45 -30.02 22.10
N PHE D 246 5.95 -29.99 20.88
CA PHE D 246 6.20 -28.87 20.01
C PHE D 246 5.01 -28.68 19.09
N ALA D 247 4.81 -27.44 18.67
CA ALA D 247 3.75 -27.11 17.74
C ALA D 247 4.35 -26.73 16.39
N THR D 248 3.62 -27.07 15.34
CA THR D 248 4.00 -26.81 13.97
C THR D 248 2.89 -26.06 13.28
N GLY D 249 3.25 -25.02 12.55
CA GLY D 249 2.29 -24.32 11.72
C GLY D 249 2.64 -24.56 10.27
N SER D 250 1.62 -24.90 9.49
CA SER D 250 1.83 -25.34 8.13
C SER D 250 1.02 -24.51 7.15
N ASP D 251 1.31 -24.71 5.87
CA ASP D 251 0.61 -23.98 4.82
C ASP D 251 -0.75 -24.59 4.51
N ASP D 252 -1.06 -25.76 5.06
CA ASP D 252 -2.39 -26.34 4.94
C ASP D 252 -3.41 -25.69 5.86
N ALA D 253 -3.08 -24.51 6.41
CA ALA D 253 -3.93 -23.71 7.28
C ALA D 253 -4.20 -24.39 8.62
N THR D 254 -3.33 -25.28 9.05
CA THR D 254 -3.51 -26.04 10.26
C THR D 254 -2.28 -25.90 11.15
N CYS D 255 -2.50 -25.79 12.45
CA CYS D 255 -1.44 -25.94 13.44
C CYS D 255 -1.61 -27.29 14.10
N ARG D 256 -0.52 -27.91 14.49
CA ARG D 256 -0.59 -29.21 15.14
C ARG D 256 0.40 -29.27 16.29
N LEU D 257 -0.03 -29.88 17.37
CA LEU D 257 0.83 -30.10 18.53
C LEU D 257 1.16 -31.58 18.59
N PHE D 258 2.46 -31.88 18.57
CA PHE D 258 3.03 -33.22 18.67
C PHE D 258 3.74 -33.36 20.00
N ASP D 259 3.64 -34.54 20.60
CA ASP D 259 4.43 -34.85 21.79
C ASP D 259 5.55 -35.81 21.41
N LEU D 260 6.75 -35.51 21.89
CA LEU D 260 7.92 -36.31 21.55
C LEU D 260 7.83 -37.73 22.08
N ARG D 261 7.32 -37.91 23.30
CA ARG D 261 7.29 -39.23 23.90
C ARG D 261 6.19 -40.10 23.31
N ALA D 262 4.99 -39.56 23.15
CA ALA D 262 3.92 -40.32 22.51
C ALA D 262 4.18 -40.51 21.02
N ASP D 263 4.85 -39.55 20.38
CA ASP D 263 5.27 -39.62 18.98
C ASP D 263 4.07 -39.54 18.02
N GLN D 264 3.02 -38.84 18.45
CA GLN D 264 1.87 -38.55 17.58
C GLN D 264 1.54 -37.07 17.70
N GLU D 265 0.77 -36.58 16.73
CA GLU D 265 0.15 -35.26 16.92
C GLU D 265 -0.95 -35.36 17.95
N LEU D 266 -0.84 -34.53 18.99
CA LEU D 266 -1.81 -34.52 20.06
C LEU D 266 -3.00 -33.63 19.76
N MET D 267 -2.77 -32.50 19.10
CA MET D 267 -3.85 -31.55 18.90
C MET D 267 -3.79 -30.96 17.51
N THR D 268 -4.94 -30.65 16.94
CA THR D 268 -5.03 -30.01 15.63
C THR D 268 -5.84 -28.73 15.77
N TYR D 269 -5.18 -27.60 15.57
CA TYR D 269 -5.78 -26.27 15.68
C TYR D 269 -6.10 -25.81 14.27
N SER D 270 -7.38 -25.87 13.91
CA SER D 270 -7.82 -25.48 12.59
C SER D 270 -9.23 -24.93 12.69
N HIS D 271 -9.64 -24.22 11.65
CA HIS D 271 -10.97 -23.63 11.59
C HIS D 271 -11.36 -23.51 10.13
N ASP D 272 -12.64 -23.75 9.84
CA ASP D 272 -13.08 -23.77 8.45
C ASP D 272 -12.92 -22.41 7.78
N ASN D 273 -13.02 -21.33 8.54
CA ASN D 273 -12.86 -20.00 7.99
C ASN D 273 -11.39 -19.60 7.86
N ILE D 274 -10.48 -20.52 8.17
CA ILE D 274 -9.04 -20.28 8.07
C ILE D 274 -8.51 -21.13 6.93
N ILE D 275 -8.22 -20.47 5.80
CA ILE D 275 -7.67 -21.13 4.63
C ILE D 275 -6.27 -20.61 4.31
N CYS D 276 -5.70 -19.80 5.19
CA CYS D 276 -4.35 -19.28 5.03
C CYS D 276 -3.38 -20.10 5.86
N GLY D 277 -2.16 -20.26 5.35
CA GLY D 277 -1.15 -20.98 6.07
C GLY D 277 -0.68 -20.25 7.32
N ILE D 278 0.05 -20.98 8.16
CA ILE D 278 0.57 -20.46 9.40
C ILE D 278 2.05 -20.19 9.22
N THR D 279 2.44 -18.93 9.39
CA THR D 279 3.81 -18.51 9.17
C THR D 279 4.65 -18.52 10.43
N SER D 280 4.02 -18.36 11.59
CA SER D 280 4.72 -18.17 12.84
C SER D 280 3.96 -18.94 13.90
N VAL D 281 4.68 -19.59 14.79
CA VAL D 281 4.10 -20.36 15.89
C VAL D 281 4.89 -20.07 17.15
N SER D 282 4.19 -19.68 18.21
CA SER D 282 4.82 -19.37 19.48
C SER D 282 3.90 -19.81 20.60
N PHE D 283 4.51 -20.27 21.68
CA PHE D 283 3.78 -20.60 22.89
C PHE D 283 3.96 -19.49 23.91
N SER D 284 2.94 -19.26 24.71
CA SER D 284 3.11 -18.40 25.87
C SER D 284 3.98 -19.11 26.91
N LYS D 285 4.28 -18.40 28.00
CA LYS D 285 5.15 -18.98 29.02
C LYS D 285 4.54 -20.24 29.63
N SER D 286 3.23 -20.27 29.81
CA SER D 286 2.57 -21.43 30.39
C SER D 286 2.34 -22.54 29.40
N GLY D 287 2.37 -22.25 28.10
CA GLY D 287 1.97 -23.22 27.11
C GLY D 287 0.48 -23.42 26.98
N ARG D 288 -0.33 -22.62 27.68
CA ARG D 288 -1.77 -22.72 27.51
C ARG D 288 -2.24 -21.97 26.28
N LEU D 289 -1.57 -20.90 25.92
CA LEU D 289 -1.88 -20.12 24.73
C LEU D 289 -0.87 -20.44 23.65
N LEU D 290 -1.37 -20.83 22.47
CA LEU D 290 -0.53 -21.02 21.29
C LEU D 290 -0.80 -19.87 20.33
N LEU D 291 0.19 -19.03 20.11
CA LEU D 291 0.05 -17.91 19.20
C LEU D 291 0.53 -18.33 17.83
N ALA D 292 -0.25 -18.01 16.80
CA ALA D 292 0.09 -18.41 15.46
C ALA D 292 -0.16 -17.25 14.52
N GLY D 293 0.89 -16.80 13.83
CA GLY D 293 0.74 -15.76 12.83
C GLY D 293 0.29 -16.38 11.52
N TYR D 294 -0.54 -15.63 10.80
CA TYR D 294 -1.18 -16.17 9.61
C TYR D 294 -0.90 -15.30 8.39
N ASP D 295 -1.20 -15.88 7.23
CA ASP D 295 -1.33 -15.13 6.00
C ASP D 295 -2.61 -14.32 5.96
N ASP D 296 -3.53 -14.54 6.91
CA ASP D 296 -4.72 -13.74 7.11
C ASP D 296 -4.40 -12.31 7.53
N PHE D 297 -3.14 -12.03 7.85
CA PHE D 297 -2.58 -10.79 8.39
C PHE D 297 -2.83 -10.72 9.89
N ASN D 298 -3.48 -11.72 10.47
CA ASN D 298 -3.81 -11.73 11.89
C ASN D 298 -3.04 -12.83 12.59
N CYS D 299 -2.93 -12.71 13.91
CA CYS D 299 -2.31 -13.73 14.74
C CYS D 299 -3.38 -14.36 15.63
N ASN D 300 -3.72 -15.60 15.38
CA ASN D 300 -4.73 -16.27 16.19
C ASN D 300 -4.10 -16.82 17.47
N VAL D 301 -4.73 -16.55 18.59
CA VAL D 301 -4.33 -17.09 19.88
C VAL D 301 -5.26 -18.25 20.18
N TRP D 302 -4.69 -19.46 20.23
CA TRP D 302 -5.42 -20.69 20.40
C TRP D 302 -5.31 -21.19 21.82
N ASP D 303 -6.41 -21.75 22.32
CA ASP D 303 -6.39 -22.52 23.55
C ASP D 303 -5.67 -23.82 23.28
N ALA D 304 -4.40 -23.91 23.69
CA ALA D 304 -3.54 -25.02 23.27
C ALA D 304 -4.06 -26.36 23.76
N LEU D 305 -4.87 -26.38 24.82
CA LEU D 305 -5.45 -27.62 25.31
C LEU D 305 -6.86 -27.85 24.80
N LYS D 306 -7.61 -26.79 24.52
CA LYS D 306 -8.97 -26.91 23.99
C LYS D 306 -9.03 -26.85 22.47
N ALA D 307 -7.98 -26.36 21.81
CA ALA D 307 -7.93 -26.19 20.36
C ALA D 307 -9.02 -25.22 19.88
N ASP D 308 -9.42 -24.31 20.76
CA ASP D 308 -10.34 -23.25 20.42
C ASP D 308 -9.54 -21.96 20.23
N ARG D 309 -10.09 -21.03 19.47
CA ARG D 309 -9.46 -19.73 19.31
C ARG D 309 -9.76 -18.88 20.52
N ALA D 310 -8.74 -18.59 21.32
CA ALA D 310 -8.92 -17.76 22.48
C ALA D 310 -8.95 -16.29 22.13
N GLY D 311 -8.33 -15.90 21.02
CA GLY D 311 -8.32 -14.48 20.67
C GLY D 311 -7.69 -14.26 19.32
N VAL D 312 -7.61 -12.99 18.94
CA VAL D 312 -7.03 -12.57 17.68
C VAL D 312 -6.20 -11.32 17.92
N LEU D 313 -4.94 -11.36 17.49
CA LEU D 313 -4.08 -10.19 17.39
C LEU D 313 -4.14 -9.68 15.96
N ALA D 314 -5.20 -8.92 15.69
CA ALA D 314 -5.34 -8.27 14.40
C ALA D 314 -4.84 -6.84 14.50
N GLY D 315 -4.32 -6.32 13.41
CA GLY D 315 -3.73 -5.00 13.43
C GLY D 315 -2.58 -4.85 12.47
N HIS D 316 -2.01 -5.97 12.02
CA HIS D 316 -1.03 -5.92 10.96
C HIS D 316 -1.72 -5.82 9.61
N ASP D 317 -1.10 -5.08 8.69
CA ASP D 317 -1.67 -4.78 7.40
C ASP D 317 -1.18 -5.70 6.30
N ASN D 318 -0.31 -6.64 6.63
CA ASN D 318 0.23 -7.57 5.67
C ASN D 318 0.51 -8.88 6.38
N ARG D 319 1.15 -9.80 5.68
CA ARG D 319 1.42 -11.12 6.20
C ARG D 319 2.20 -11.06 7.51
N VAL D 320 1.65 -11.68 8.54
CA VAL D 320 2.39 -11.82 9.79
C VAL D 320 3.46 -12.87 9.60
N SER D 321 4.72 -12.44 9.65
CA SER D 321 5.84 -13.31 9.31
C SER D 321 6.57 -13.86 10.51
N CYS D 322 6.58 -13.15 11.64
CA CYS D 322 7.38 -13.60 12.76
C CYS D 322 6.65 -13.32 14.07
N LEU D 323 6.73 -14.30 14.97
CA LEU D 323 6.17 -14.23 16.31
C LEU D 323 7.26 -14.50 17.34
N GLY D 324 7.18 -13.80 18.45
CA GLY D 324 8.06 -14.10 19.56
C GLY D 324 7.41 -13.73 20.86
N VAL D 325 7.32 -14.67 21.75
CA VAL D 325 6.89 -14.42 23.11
C VAL D 325 8.15 -14.26 23.95
N THR D 326 8.14 -13.27 24.84
CA THR D 326 9.26 -13.04 25.72
C THR D 326 9.52 -14.26 26.60
N ASP D 327 10.75 -14.34 27.11
CA ASP D 327 11.07 -15.48 27.98
C ASP D 327 10.36 -15.39 29.32
N ASP D 328 10.03 -14.19 29.79
CA ASP D 328 9.24 -14.06 30.99
C ASP D 328 7.74 -14.06 30.72
N GLY D 329 7.34 -14.19 29.46
CA GLY D 329 5.95 -14.26 29.09
C GLY D 329 5.24 -12.92 29.04
N MET D 330 5.94 -11.82 29.25
CA MET D 330 5.26 -10.53 29.43
C MET D 330 4.63 -10.03 28.14
N ALA D 331 5.25 -10.25 26.99
CA ALA D 331 4.78 -9.59 25.78
C ALA D 331 4.94 -10.51 24.58
N VAL D 332 4.17 -10.18 23.54
CA VAL D 332 4.24 -10.88 22.26
C VAL D 332 4.65 -9.88 21.20
N ALA D 333 5.86 -10.00 20.68
CA ALA D 333 6.21 -9.25 19.50
C ALA D 333 5.74 -9.99 18.27
N THR D 334 5.06 -9.28 17.39
CA THR D 334 4.72 -9.80 16.08
C THR D 334 5.26 -8.86 15.03
N GLY D 335 5.97 -9.43 14.06
CA GLY D 335 6.44 -8.66 12.94
C GLY D 335 5.79 -9.19 11.68
N SER D 336 5.54 -8.28 10.76
CA SER D 336 4.72 -8.60 9.61
C SER D 336 5.40 -8.06 8.36
N TRP D 337 4.82 -8.40 7.21
CA TRP D 337 5.30 -7.87 5.95
C TRP D 337 4.91 -6.42 5.74
N ASP D 338 4.13 -5.84 6.64
CA ASP D 338 3.78 -4.43 6.60
C ASP D 338 4.86 -3.54 7.17
N SER D 339 6.05 -4.09 7.45
CA SER D 339 7.24 -3.39 7.90
C SER D 339 7.20 -2.97 9.35
N PHE D 340 6.26 -3.48 10.14
CA PHE D 340 6.10 -3.04 11.52
C PHE D 340 6.17 -4.21 12.48
N LEU D 341 6.76 -3.95 13.63
CA LEU D 341 6.66 -4.83 14.79
C LEU D 341 5.66 -4.24 15.75
N LYS D 342 4.87 -5.11 16.36
CA LYS D 342 3.89 -4.71 17.34
C LYS D 342 4.10 -5.54 18.58
N ILE D 343 4.20 -4.88 19.72
CA ILE D 343 4.31 -5.56 21.00
C ILE D 343 2.90 -5.62 21.56
N TRP D 344 2.44 -6.82 21.86
CA TRP D 344 1.10 -7.06 22.35
C TRP D 344 1.19 -7.50 23.80
N ASN D 345 0.22 -7.06 24.58
CA ASN D 345 0.18 -7.47 25.98
C ASN D 345 -1.22 -7.35 26.55
N ALA E 6 22.45 -43.47 -3.59
CA ALA E 6 22.06 -44.02 -4.89
C ALA E 6 20.60 -44.43 -4.90
N SER E 7 20.20 -45.21 -5.90
CA SER E 7 18.85 -45.75 -5.91
C SER E 7 18.66 -46.79 -4.80
N ILE E 8 19.73 -47.47 -4.41
CA ILE E 8 19.66 -48.49 -3.37
C ILE E 8 20.15 -47.96 -2.04
N ALA E 9 21.15 -47.08 -2.05
CA ALA E 9 21.73 -46.59 -0.80
C ALA E 9 20.76 -45.71 -0.02
N GLN E 10 19.92 -44.95 -0.71
CA GLN E 10 18.95 -44.12 -0.01
C GLN E 10 17.92 -44.99 0.72
N ALA E 11 17.53 -46.11 0.13
CA ALA E 11 16.69 -47.06 0.84
C ALA E 11 17.41 -47.68 2.02
N ARG E 12 18.74 -47.87 1.91
CA ARG E 12 19.52 -48.32 3.06
C ARG E 12 19.43 -47.32 4.21
N LYS E 13 19.59 -46.03 3.91
CA LYS E 13 19.52 -45.02 4.96
C LYS E 13 18.11 -44.88 5.51
N LEU E 14 17.09 -45.05 4.65
CA LEU E 14 15.71 -45.04 5.14
C LEU E 14 15.46 -46.18 6.12
N VAL E 15 15.92 -47.40 5.78
CA VAL E 15 15.77 -48.55 6.67
C VAL E 15 16.50 -48.29 7.98
N GLU E 16 17.72 -47.76 7.90
CA GLU E 16 18.51 -47.41 9.09
C GLU E 16 17.77 -46.43 10.00
N GLN E 17 17.29 -45.32 9.44
CA GLN E 17 16.64 -44.31 10.26
C GLN E 17 15.35 -44.84 10.85
N LEU E 18 14.57 -45.59 10.07
CA LEU E 18 13.30 -46.10 10.57
C LEU E 18 13.52 -47.17 11.66
N LYS E 19 14.53 -48.01 11.51
CA LYS E 19 14.75 -49.06 12.50
C LYS E 19 15.22 -48.45 13.82
N MET E 20 16.06 -47.41 13.78
CA MET E 20 16.40 -46.76 15.04
C MET E 20 15.26 -45.91 15.58
N GLU E 21 14.36 -45.45 14.70
CA GLU E 21 13.18 -44.74 15.15
C GLU E 21 12.08 -45.67 15.64
N ALA E 22 12.25 -46.97 15.47
CA ALA E 22 11.23 -47.92 15.91
C ALA E 22 11.30 -48.18 17.41
N ASN E 23 12.50 -48.45 17.93
CA ASN E 23 12.69 -48.83 19.33
C ASN E 23 12.80 -47.58 20.19
N ILE E 24 11.63 -46.95 20.40
CA ILE E 24 11.52 -45.74 21.20
C ILE E 24 10.55 -46.00 22.34
N ASP E 25 10.90 -45.52 23.53
CA ASP E 25 10.07 -45.71 24.72
C ASP E 25 8.88 -44.76 24.64
N ARG E 26 7.88 -45.17 23.85
CA ARG E 26 6.67 -44.39 23.69
C ARG E 26 5.74 -44.59 24.87
N ILE E 27 4.92 -43.57 25.13
CA ILE E 27 3.88 -43.65 26.15
C ILE E 27 2.54 -43.42 25.47
N LYS E 28 1.48 -43.77 26.19
CA LYS E 28 0.13 -43.62 25.64
C LYS E 28 -0.24 -42.14 25.59
N VAL E 29 -1.13 -41.79 24.64
CA VAL E 29 -1.43 -40.39 24.40
C VAL E 29 -2.14 -39.75 25.59
N SER E 30 -2.75 -40.57 26.46
CA SER E 30 -3.34 -39.99 27.66
C SER E 30 -2.29 -39.54 28.66
N LYS E 31 -1.22 -40.33 28.81
CA LYS E 31 -0.11 -39.94 29.66
C LYS E 31 0.67 -38.78 29.07
N ALA E 32 0.55 -38.57 27.76
CA ALA E 32 1.21 -37.47 27.07
C ALA E 32 0.35 -36.21 27.02
N ALA E 33 -0.96 -36.36 27.13
CA ALA E 33 -1.86 -35.21 27.23
C ALA E 33 -1.95 -34.71 28.66
N ALA E 34 -1.92 -35.63 29.63
CA ALA E 34 -1.95 -35.25 31.03
C ALA E 34 -0.70 -34.45 31.40
N ASP E 35 0.42 -34.73 30.76
CA ASP E 35 1.63 -33.96 31.05
C ASP E 35 1.48 -32.50 30.63
N LEU E 36 0.91 -32.26 29.45
CA LEU E 36 0.71 -30.89 29.01
C LEU E 36 -0.38 -30.20 29.82
N MET E 37 -1.43 -30.92 30.19
CA MET E 37 -2.45 -30.33 31.05
C MET E 37 -1.85 -29.93 32.39
N ALA E 38 -1.02 -30.81 32.97
CA ALA E 38 -0.39 -30.51 34.24
C ALA E 38 0.57 -29.33 34.12
N TYR E 39 1.32 -29.25 33.02
CA TYR E 39 2.24 -28.13 32.87
C TYR E 39 1.50 -26.82 32.71
N CYS E 40 0.42 -26.82 31.94
CA CYS E 40 -0.36 -25.60 31.75
C CYS E 40 -1.01 -25.16 33.05
N GLU E 41 -1.56 -26.10 33.83
CA GLU E 41 -2.21 -25.72 35.08
C GLU E 41 -1.19 -25.30 36.12
N ALA E 42 0.00 -25.91 36.11
CA ALA E 42 1.00 -25.62 37.13
C ALA E 42 1.59 -24.22 36.94
N HIS E 43 1.75 -23.78 35.70
CA HIS E 43 2.35 -22.49 35.39
C HIS E 43 1.32 -21.49 34.91
N ALA E 44 0.05 -21.67 35.29
CA ALA E 44 -1.01 -20.83 34.75
C ALA E 44 -0.88 -19.38 35.21
N LYS E 45 -0.50 -19.17 36.47
CA LYS E 45 -0.57 -17.83 37.05
C LYS E 45 0.53 -16.92 36.51
N GLU E 46 1.74 -17.43 36.36
CA GLU E 46 2.84 -16.58 35.91
C GLU E 46 2.89 -16.42 34.40
N ASP E 47 1.79 -16.66 33.70
CA ASP E 47 1.65 -16.38 32.27
C ASP E 47 0.98 -15.03 32.11
N PRO E 48 1.72 -13.96 31.80
CA PRO E 48 1.09 -12.63 31.68
C PRO E 48 0.15 -12.49 30.50
N LEU E 49 0.16 -13.43 29.56
CA LEU E 49 -0.77 -13.42 28.43
C LEU E 49 -2.06 -14.15 28.75
N LEU E 50 -2.05 -14.98 29.79
CA LEU E 50 -3.20 -15.75 30.24
C LEU E 50 -3.82 -15.15 31.49
N THR E 51 -2.99 -14.68 32.42
CA THR E 51 -3.42 -13.92 33.60
C THR E 51 -2.76 -12.54 33.50
N PRO E 52 -3.35 -11.62 32.74
CA PRO E 52 -2.71 -10.31 32.51
C PRO E 52 -2.39 -9.54 33.78
N VAL E 53 -1.13 -9.13 33.91
CA VAL E 53 -0.62 -8.44 35.09
C VAL E 53 -1.09 -6.99 35.12
N PRO E 54 -1.24 -6.39 36.30
CA PRO E 54 -1.62 -4.97 36.36
C PRO E 54 -0.53 -4.07 35.79
N ALA E 55 -0.95 -2.86 35.41
CA ALA E 55 -0.03 -1.92 34.78
C ALA E 55 1.14 -1.57 35.69
N SER E 56 0.92 -1.65 37.01
CA SER E 56 2.03 -1.47 37.94
C SER E 56 3.13 -2.51 37.70
N GLU E 57 2.73 -3.72 37.33
CA GLU E 57 3.69 -4.78 37.05
C GLU E 57 4.00 -4.94 35.56
N ASN E 58 3.32 -4.18 34.70
CA ASN E 58 3.44 -4.34 33.27
C ASN E 58 4.51 -3.38 32.75
N PRO E 59 5.65 -3.88 32.26
CA PRO E 59 6.68 -2.98 31.71
C PRO E 59 6.28 -2.34 30.39
N PHE E 60 5.20 -2.80 29.75
CA PHE E 60 4.68 -2.18 28.55
C PHE E 60 3.40 -1.39 28.82
N ARG E 61 2.77 -1.62 29.97
CA ARG E 61 1.57 -0.92 30.41
C ARG E 61 0.45 -0.93 29.37
N GLN F 3 0.57 -37.73 6.94
CA GLN F 3 1.39 -38.55 6.05
C GLN F 3 0.88 -38.50 4.63
N VAL F 4 1.45 -37.63 3.82
CA VAL F 4 1.06 -37.51 2.43
C VAL F 4 1.59 -38.72 1.67
N GLN F 5 0.68 -39.49 1.07
CA GLN F 5 1.06 -40.71 0.38
C GLN F 5 0.23 -40.85 -0.88
N LEU F 6 0.90 -40.89 -2.02
CA LEU F 6 0.27 -41.03 -3.32
C LEU F 6 0.79 -42.30 -3.96
N GLN F 7 -0.12 -43.21 -4.33
CA GLN F 7 0.28 -44.47 -4.93
C GLN F 7 -0.34 -44.60 -6.31
N GLU F 8 0.50 -44.67 -7.34
CA GLU F 8 0.04 -44.84 -8.69
C GLU F 8 -0.08 -46.32 -9.04
N SER F 9 -1.00 -46.63 -9.94
CA SER F 9 -1.24 -47.98 -10.40
C SER F 9 -1.86 -47.91 -11.79
N GLY F 10 -1.92 -49.06 -12.45
CA GLY F 10 -2.50 -49.14 -13.77
C GLY F 10 -1.53 -48.96 -14.91
N GLY F 11 -0.24 -49.02 -14.65
CA GLY F 11 0.77 -48.90 -15.67
C GLY F 11 1.00 -50.19 -16.42
N GLY F 12 2.24 -50.40 -16.85
CA GLY F 12 2.62 -51.61 -17.53
C GLY F 12 3.00 -51.34 -18.98
N LEU F 13 3.22 -52.42 -19.71
CA LEU F 13 3.59 -52.34 -21.12
C LEU F 13 2.32 -52.45 -21.97
N VAL F 14 2.20 -51.55 -22.94
CA VAL F 14 1.07 -51.51 -23.86
C VAL F 14 1.63 -51.35 -25.27
N GLN F 15 0.86 -51.80 -26.26
CA GLN F 15 1.33 -51.61 -27.63
C GLN F 15 1.05 -50.18 -28.09
N PRO F 16 1.84 -49.67 -29.02
CA PRO F 16 1.60 -48.33 -29.56
C PRO F 16 0.20 -48.21 -30.15
N GLY F 17 -0.51 -47.15 -29.74
CA GLY F 17 -1.88 -46.94 -30.11
C GLY F 17 -2.90 -47.44 -29.12
N GLY F 18 -2.47 -48.11 -28.06
CA GLY F 18 -3.37 -48.67 -27.07
C GLY F 18 -3.85 -47.66 -26.07
N SER F 19 -4.31 -48.16 -24.92
CA SER F 19 -4.88 -47.31 -23.88
C SER F 19 -4.48 -47.86 -22.52
N LEU F 20 -4.34 -46.94 -21.56
CA LEU F 20 -4.03 -47.31 -20.18
C LEU F 20 -4.70 -46.33 -19.24
N ARG F 21 -5.30 -46.84 -18.18
CA ARG F 21 -5.94 -46.00 -17.17
C ARG F 21 -5.03 -45.96 -15.95
N LEU F 22 -4.38 -44.82 -15.74
CA LEU F 22 -3.50 -44.65 -14.60
C LEU F 22 -4.28 -44.05 -13.45
N SER F 23 -4.15 -44.66 -12.27
CA SER F 23 -4.95 -44.30 -11.12
C SER F 23 -4.02 -43.96 -9.97
N CYS F 24 -4.37 -42.91 -9.26
CA CYS F 24 -3.56 -42.34 -8.19
C CYS F 24 -4.39 -42.30 -6.93
N ALA F 25 -4.05 -43.18 -5.98
CA ALA F 25 -4.72 -43.24 -4.69
C ALA F 25 -4.01 -42.30 -3.73
N ALA F 26 -4.73 -41.29 -3.26
CA ALA F 26 -4.18 -40.29 -2.36
C ALA F 26 -4.62 -40.59 -0.93
N SER F 27 -3.73 -40.32 0.02
CA SER F 27 -4.04 -40.51 1.42
C SER F 27 -3.20 -39.55 2.25
N GLY F 28 -3.76 -39.13 3.38
CA GLY F 28 -3.05 -38.24 4.30
C GLY F 28 -3.31 -36.78 4.10
N PHE F 29 -4.17 -36.40 3.16
CA PHE F 29 -4.54 -35.00 3.00
C PHE F 29 -5.95 -34.94 2.44
N THR F 30 -6.56 -33.76 2.55
CA THR F 30 -7.88 -33.53 1.99
C THR F 30 -7.76 -33.42 0.48
N PHE F 31 -8.14 -34.48 -0.22
CA PHE F 31 -7.88 -34.58 -1.66
C PHE F 31 -8.55 -33.47 -2.43
N SER F 32 -9.75 -33.07 -2.03
CA SER F 32 -10.51 -32.08 -2.79
C SER F 32 -9.94 -30.68 -2.67
N ASN F 33 -9.12 -30.40 -1.66
CA ASN F 33 -8.61 -29.06 -1.43
C ASN F 33 -7.46 -28.71 -2.35
N TYR F 34 -6.94 -29.67 -3.09
CA TYR F 34 -5.66 -29.54 -3.75
C TYR F 34 -5.80 -29.67 -5.25
N LYS F 35 -5.03 -28.84 -5.95
CA LYS F 35 -4.84 -29.04 -7.38
C LYS F 35 -3.89 -30.21 -7.59
N MET F 36 -4.31 -31.17 -8.42
CA MET F 36 -3.54 -32.37 -8.66
C MET F 36 -3.01 -32.33 -10.07
N ASN F 37 -1.98 -33.12 -10.34
CA ASN F 37 -1.40 -33.13 -11.68
C ASN F 37 -0.59 -34.40 -11.90
N TRP F 38 -0.30 -34.63 -13.16
CA TRP F 38 0.48 -35.76 -13.64
C TRP F 38 1.79 -35.24 -14.22
N VAL F 39 2.88 -35.88 -13.81
CA VAL F 39 4.24 -35.53 -14.16
C VAL F 39 4.86 -36.75 -14.83
N ARG F 40 5.79 -36.52 -15.75
CA ARG F 40 6.35 -37.59 -16.56
C ARG F 40 7.88 -37.52 -16.53
N GLN F 41 8.51 -38.64 -16.19
CA GLN F 41 9.96 -38.77 -16.20
C GLN F 41 10.33 -39.72 -17.33
N ALA F 42 10.77 -39.16 -18.45
CA ALA F 42 11.16 -39.98 -19.58
C ALA F 42 12.48 -40.67 -19.28
N PRO F 43 12.73 -41.86 -19.86
CA PRO F 43 14.01 -42.55 -19.61
C PRO F 43 15.19 -41.78 -20.17
N GLY F 44 16.06 -41.30 -19.28
CA GLY F 44 17.21 -40.51 -19.66
C GLY F 44 16.97 -39.02 -19.66
N LYS F 45 15.74 -38.57 -19.42
CA LYS F 45 15.37 -37.17 -19.42
C LYS F 45 14.99 -36.73 -18.01
N GLY F 46 14.61 -35.48 -17.89
CA GLY F 46 14.11 -34.95 -16.63
C GLY F 46 12.61 -35.12 -16.50
N LEU F 47 12.09 -34.61 -15.39
CA LEU F 47 10.66 -34.66 -15.14
C LEU F 47 9.94 -33.58 -15.95
N GLU F 48 8.80 -33.95 -16.51
CA GLU F 48 7.98 -33.02 -17.28
C GLU F 48 6.55 -33.14 -16.81
N TRP F 49 5.87 -32.01 -16.77
CA TRP F 49 4.48 -31.96 -16.35
C TRP F 49 3.57 -32.40 -17.48
N VAL F 50 2.59 -33.24 -17.15
CA VAL F 50 1.66 -33.78 -18.14
C VAL F 50 0.29 -33.10 -18.05
N SER F 51 -0.29 -33.07 -16.86
CA SER F 51 -1.68 -32.61 -16.85
C SER F 51 -2.10 -32.09 -15.48
N ASP F 52 -2.75 -30.92 -15.49
CA ASP F 52 -3.32 -30.29 -14.31
C ASP F 52 -4.82 -30.54 -14.24
N ILE F 53 -5.30 -30.76 -13.03
CA ILE F 53 -6.74 -30.71 -12.74
C ILE F 53 -6.92 -29.95 -11.42
N SER F 54 -7.91 -29.07 -11.39
CA SER F 54 -8.11 -28.20 -10.25
C SER F 54 -8.76 -28.94 -9.10
N GLN F 55 -9.19 -28.17 -8.09
CA GLN F 55 -9.84 -28.75 -6.92
C GLN F 55 -11.13 -29.46 -7.29
N SER F 56 -12.01 -28.77 -8.01
CA SER F 56 -13.30 -29.32 -8.38
C SER F 56 -13.27 -30.10 -9.68
N GLY F 57 -12.18 -30.01 -10.43
CA GLY F 57 -12.09 -30.63 -11.74
C GLY F 57 -12.60 -29.79 -12.87
N ALA F 58 -13.02 -28.55 -12.61
CA ALA F 58 -13.56 -27.70 -13.67
C ALA F 58 -12.47 -27.28 -14.64
N SER F 59 -11.31 -26.90 -14.12
CA SER F 59 -10.19 -26.47 -14.95
C SER F 59 -9.26 -27.64 -15.17
N ILE F 60 -9.00 -27.95 -16.44
CA ILE F 60 -8.21 -29.10 -16.85
C ILE F 60 -7.23 -28.63 -17.90
N SER F 61 -5.94 -28.92 -17.71
CA SER F 61 -4.92 -28.48 -18.64
C SER F 61 -3.98 -29.63 -18.93
N TYR F 62 -3.38 -29.61 -20.12
CA TYR F 62 -2.46 -30.65 -20.56
C TYR F 62 -1.24 -30.01 -21.20
N THR F 63 -0.12 -30.72 -21.12
CA THR F 63 0.96 -30.44 -22.06
C THR F 63 0.49 -30.82 -23.46
N GLY F 64 0.93 -30.05 -24.45
CA GLY F 64 0.40 -30.22 -25.79
C GLY F 64 0.61 -31.59 -26.37
N SER F 65 1.65 -32.30 -25.92
CA SER F 65 1.96 -33.62 -26.44
C SER F 65 0.86 -34.63 -26.16
N VAL F 66 -0.05 -34.36 -25.23
CA VAL F 66 -1.06 -35.32 -24.81
C VAL F 66 -2.48 -34.77 -24.90
N LYS F 67 -2.69 -33.61 -25.51
CA LYS F 67 -4.04 -33.12 -25.72
C LYS F 67 -4.75 -33.98 -26.76
N GLY F 68 -6.03 -34.25 -26.50
CA GLY F 68 -6.82 -35.12 -27.33
C GLY F 68 -6.55 -36.59 -27.14
N ARG F 69 -5.51 -36.95 -26.40
CA ARG F 69 -5.17 -38.34 -26.16
C ARG F 69 -5.30 -38.74 -24.71
N PHE F 70 -4.86 -37.90 -23.78
CA PHE F 70 -4.96 -38.17 -22.36
C PHE F 70 -6.11 -37.37 -21.77
N THR F 71 -6.85 -37.99 -20.86
CA THR F 71 -7.98 -37.36 -20.19
C THR F 71 -7.84 -37.55 -18.70
N ILE F 72 -7.71 -36.45 -17.96
CA ILE F 72 -7.49 -36.49 -16.52
C ILE F 72 -8.81 -36.18 -15.84
N SER F 73 -9.07 -36.90 -14.75
CA SER F 73 -10.30 -36.69 -14.00
C SER F 73 -10.03 -36.94 -12.52
N ARG F 74 -10.95 -36.47 -11.69
CA ARG F 74 -10.86 -36.65 -10.25
C ARG F 74 -12.05 -37.45 -9.77
N ASP F 75 -11.89 -38.06 -8.61
CA ASP F 75 -13.00 -38.53 -7.81
C ASP F 75 -12.70 -38.10 -6.38
N ASN F 76 -13.25 -36.95 -6.00
CA ASN F 76 -13.09 -36.42 -4.66
C ASN F 76 -13.87 -37.22 -3.63
N ALA F 77 -14.74 -38.12 -4.07
CA ALA F 77 -15.42 -39.03 -3.15
C ALA F 77 -14.54 -40.20 -2.74
N LYS F 78 -13.84 -40.81 -3.69
CA LYS F 78 -12.88 -41.86 -3.40
C LYS F 78 -11.45 -41.35 -3.27
N ASN F 79 -11.23 -40.04 -3.48
CA ASN F 79 -9.92 -39.41 -3.36
C ASN F 79 -8.92 -40.03 -4.33
N THR F 80 -9.30 -40.07 -5.61
CA THR F 80 -8.49 -40.74 -6.60
C THR F 80 -8.34 -39.84 -7.82
N LEU F 81 -7.21 -39.98 -8.51
CA LEU F 81 -6.91 -39.21 -9.71
C LEU F 81 -6.69 -40.15 -10.87
N TYR F 82 -7.37 -39.91 -11.99
CA TYR F 82 -7.29 -40.79 -13.15
C TYR F 82 -6.71 -40.07 -14.35
N LEU F 83 -5.93 -40.82 -15.14
CA LEU F 83 -5.44 -40.37 -16.43
C LEU F 83 -5.70 -41.48 -17.44
N GLN F 84 -6.65 -41.27 -18.34
CA GLN F 84 -6.95 -42.20 -19.41
C GLN F 84 -6.05 -41.87 -20.59
N MET F 85 -5.23 -42.83 -21.00
CA MET F 85 -4.29 -42.67 -22.09
C MET F 85 -4.80 -43.39 -23.32
N ASN F 86 -5.12 -42.64 -24.36
CA ASN F 86 -5.55 -43.17 -25.64
C ASN F 86 -4.51 -42.80 -26.69
N SER F 87 -4.41 -43.63 -27.74
CA SER F 87 -3.46 -43.40 -28.81
C SER F 87 -2.03 -43.29 -28.27
N LEU F 88 -1.68 -44.20 -27.38
CA LEU F 88 -0.37 -44.15 -26.73
C LEU F 88 0.74 -44.35 -27.75
N LYS F 89 1.75 -43.49 -27.68
CA LYS F 89 2.87 -43.45 -28.59
C LYS F 89 4.15 -43.90 -27.89
N PRO F 90 5.16 -44.34 -28.64
CA PRO F 90 6.44 -44.72 -28.00
C PRO F 90 7.07 -43.61 -27.18
N GLU F 91 6.83 -42.34 -27.52
CA GLU F 91 7.39 -41.25 -26.74
C GLU F 91 6.66 -41.06 -25.41
N ASP F 92 5.53 -41.73 -25.20
CA ASP F 92 4.84 -41.72 -23.93
C ASP F 92 5.42 -42.72 -22.92
N THR F 93 6.39 -43.52 -23.34
CA THR F 93 7.04 -44.44 -22.42
C THR F 93 7.86 -43.67 -21.40
N ALA F 94 7.52 -43.79 -20.13
CA ALA F 94 8.17 -43.04 -19.06
C ALA F 94 7.60 -43.50 -17.73
N VAL F 95 8.18 -42.98 -16.66
CA VAL F 95 7.62 -43.16 -15.32
C VAL F 95 6.64 -42.02 -15.07
N TYR F 96 5.40 -42.37 -14.76
CA TYR F 96 4.37 -41.37 -14.50
C TYR F 96 4.19 -41.20 -13.00
N TYR F 97 4.23 -39.95 -12.56
CA TYR F 97 4.08 -39.60 -11.16
C TYR F 97 2.81 -38.79 -10.99
N CYS F 98 1.96 -39.24 -10.08
CA CYS F 98 0.85 -38.41 -9.64
C CYS F 98 1.39 -37.48 -8.57
N ALA F 99 1.20 -36.18 -8.77
CA ALA F 99 1.74 -35.19 -7.87
C ALA F 99 0.61 -34.32 -7.36
N ARG F 100 0.74 -33.91 -6.12
CA ARG F 100 -0.14 -32.92 -5.53
C ARG F 100 0.65 -31.64 -5.39
N CYS F 101 0.11 -30.54 -5.85
CA CYS F 101 0.86 -29.30 -5.73
C CYS F 101 0.73 -28.78 -4.29
N PRO F 102 1.71 -28.00 -3.83
CA PRO F 102 2.09 -28.06 -2.41
C PRO F 102 1.06 -27.55 -1.42
N ALA F 103 0.26 -26.55 -1.76
CA ALA F 103 -0.60 -25.92 -0.77
C ALA F 103 -2.05 -26.04 -1.23
N PRO F 104 -2.99 -26.04 -0.28
CA PRO F 104 -4.40 -26.08 -0.67
C PRO F 104 -4.95 -24.70 -0.96
N PHE F 105 -6.06 -24.70 -1.70
CA PHE F 105 -6.82 -23.49 -2.03
C PHE F 105 -6.01 -22.47 -2.82
N THR F 106 -4.98 -22.91 -3.54
CA THR F 106 -4.16 -22.03 -4.34
C THR F 106 -4.25 -22.46 -5.80
N ARG F 107 -3.87 -21.54 -6.69
CA ARG F 107 -3.78 -21.85 -8.11
C ARG F 107 -2.34 -22.09 -8.57
N ASP F 108 -1.37 -21.50 -7.89
CA ASP F 108 0.03 -21.78 -8.19
C ASP F 108 0.40 -23.16 -7.68
N CYS F 109 1.18 -23.89 -8.47
CA CYS F 109 1.57 -25.24 -8.13
C CYS F 109 3.06 -25.42 -8.38
N PHE F 110 3.84 -24.54 -7.74
CA PHE F 110 5.29 -24.59 -7.77
C PHE F 110 5.83 -25.99 -7.53
N ASP F 111 6.99 -26.26 -8.11
CA ASP F 111 7.89 -27.32 -7.70
C ASP F 111 7.38 -28.73 -7.96
N VAL F 112 6.31 -28.87 -8.73
CA VAL F 112 5.71 -30.19 -8.94
C VAL F 112 6.64 -31.07 -9.78
N THR F 113 7.32 -30.49 -10.76
CA THR F 113 8.27 -31.22 -11.59
C THR F 113 9.68 -31.16 -11.05
N SER F 114 9.85 -30.83 -9.78
CA SER F 114 11.18 -30.75 -9.20
C SER F 114 11.76 -32.16 -9.03
N THR F 115 13.07 -32.21 -8.86
CA THR F 115 13.75 -33.49 -8.69
C THR F 115 13.32 -34.17 -7.40
N THR F 116 13.26 -33.42 -6.30
CA THR F 116 13.01 -33.97 -4.98
C THR F 116 11.72 -33.43 -4.37
N TYR F 117 10.70 -33.21 -5.18
CA TYR F 117 9.40 -32.78 -4.69
C TYR F 117 8.79 -33.85 -3.79
N ALA F 118 8.24 -33.41 -2.66
CA ALA F 118 7.81 -34.35 -1.62
C ALA F 118 6.42 -34.91 -1.90
N TYR F 119 5.49 -34.06 -2.33
CA TYR F 119 4.10 -34.47 -2.50
C TYR F 119 3.87 -35.07 -3.88
N ARG F 120 4.64 -36.10 -4.16
CA ARG F 120 4.64 -36.77 -5.44
C ARG F 120 4.85 -38.26 -5.20
N GLY F 121 4.16 -39.08 -5.99
CA GLY F 121 4.18 -40.51 -5.79
C GLY F 121 5.51 -41.12 -6.18
N GLN F 122 5.61 -42.43 -5.98
CA GLN F 122 6.80 -43.16 -6.38
C GLN F 122 6.82 -43.38 -7.89
N GLY F 123 5.68 -43.26 -8.55
CA GLY F 123 5.61 -43.36 -9.98
C GLY F 123 5.36 -44.80 -10.44
N THR F 124 4.80 -44.90 -11.64
CA THR F 124 4.53 -46.17 -12.28
C THR F 124 5.11 -46.15 -13.69
N GLN F 125 5.77 -47.24 -14.07
CA GLN F 125 6.38 -47.31 -15.38
C GLN F 125 5.32 -47.64 -16.43
N VAL F 126 5.20 -46.78 -17.44
CA VAL F 126 4.31 -47.02 -18.57
C VAL F 126 5.20 -47.14 -19.81
N THR F 127 5.22 -48.31 -20.41
CA THR F 127 6.06 -48.59 -21.56
C THR F 127 5.19 -48.84 -22.77
N VAL F 128 5.47 -48.14 -23.86
CA VAL F 128 4.66 -48.28 -25.06
C VAL F 128 5.50 -48.85 -26.19
#